data_6QGU
#
_entry.id   6QGU
#
_cell.length_a   115.467
_cell.length_b   114.814
_cell.length_c   68.314
_cell.angle_alpha   90.00
_cell.angle_beta   108.23
_cell.angle_gamma   90.00
#
_symmetry.space_group_name_H-M   'C 1 2 1'
#
loop_
_entity.id
_entity.type
_entity.pdbx_description
1 polymer Phosphodiesterase
2 non-polymer 'ZINC ION'
3 non-polymer 'MAGNESIUM ION'
4 non-polymer 'FORMIC ACID'
5 non-polymer GUANIDINE
6 non-polymer GLYCEROL
7 non-polymer 5-(3-(cyclopentyloxy)-4-methoxyphenyl)-2-isopropyl-4,4-dimethyl-2,4-dihydro-3H-pyrazol-3-one
8 water water
#
_entity_poly.entity_id   1
_entity_poly.type   'polypeptide(L)'
_entity_poly.pdbx_seq_one_letter_code
;GSHMASELNEHRATLFNKNVPSRAVKRVTAITKVEREAVLVCELPSFDVTDVEFDLFRARESTDKPLDVAAAIAYRLLLG
SGLPQKFGCSDEVLLNFILQCRKKYRNVPYHNFYHVVDVCQTIHTFLYRGNVYEKLTELECFVLLITALVHDLDHMGLNN
SFYLKTESPLGILSSASGNTSVLEVHHCNLAVEILSDPESDVFDGLEGAERTLAFRSMIDCVLATDMAKHGSALEAFLAS
AADQSSDEAAFHRMTMEIILKAGDISNVTKPFDISRQWAMAVTEEFYRQGDMEKERGVEVLPMFDRSKNMELAKGQIGFI
DFVAAPFFQKIVDACLQGMQWTVDRIKSNRAQWERVLETR
;
_entity_poly.pdbx_strand_id   A,B
#
loop_
_chem_comp.id
_chem_comp.type
_chem_comp.name
_chem_comp.formula
863 non-polymer 5-(3-(cyclopentyloxy)-4-methoxyphenyl)-2-isopropyl-4,4-dimethyl-2,4-dihydro-3H-pyrazol-3-one 'C20 H28 N2 O3'
FMT non-polymer 'FORMIC ACID' 'C H2 O2'
GAI non-polymer GUANIDINE 'C H5 N3'
GOL non-polymer GLYCEROL 'C3 H8 O3'
MG non-polymer 'MAGNESIUM ION' 'Mg 2'
ZN non-polymer 'ZINC ION' 'Zn 2'
#
# COMPACT_ATOMS: atom_id res chain seq x y z
N VAL A 28 -9.69 42.46 10.94
CA VAL A 28 -8.69 41.60 10.22
C VAL A 28 -8.16 42.36 8.99
N THR A 29 -6.84 42.43 8.86
CA THR A 29 -6.09 43.20 7.84
C THR A 29 -6.24 42.57 6.45
N ALA A 30 -6.35 43.39 5.41
CA ALA A 30 -6.33 43.00 3.99
C ALA A 30 -5.06 42.21 3.66
N ILE A 31 -5.21 41.13 2.88
CA ILE A 31 -4.07 40.36 2.25
C ILE A 31 -3.39 41.27 1.22
N THR A 32 -2.05 41.29 1.20
CA THR A 32 -1.24 42.17 0.29
C THR A 32 -0.98 41.47 -1.05
N LYS A 33 -0.57 42.25 -2.04
CA LYS A 33 -0.14 41.74 -3.36
C LYS A 33 1.02 40.76 -3.17
N VAL A 34 1.95 41.11 -2.29
CA VAL A 34 3.21 40.35 -2.03
C VAL A 34 2.86 38.97 -1.46
N GLU A 35 1.95 38.92 -0.49
CA GLU A 35 1.46 37.65 0.08
C GLU A 35 0.86 36.82 -1.06
N ARG A 36 0.01 37.42 -1.90
CA ARG A 36 -0.61 36.69 -3.04
C ARG A 36 0.50 36.16 -3.96
N GLU A 37 1.48 37.00 -4.30
CA GLU A 37 2.47 36.66 -5.35
C GLU A 37 3.32 35.47 -4.86
N ALA A 38 3.64 35.41 -3.57
CA ALA A 38 4.43 34.31 -2.96
C ALA A 38 3.72 32.94 -3.09
N VAL A 39 2.39 32.89 -3.18
CA VAL A 39 1.66 31.61 -3.44
C VAL A 39 1.69 31.35 -4.93
N LEU A 40 1.43 32.39 -5.71
CA LEU A 40 1.26 32.29 -7.18
C LEU A 40 2.52 31.76 -7.87
N VAL A 41 3.71 32.03 -7.34
CA VAL A 41 5.01 31.52 -7.90
C VAL A 41 5.15 30.00 -7.71
N CYS A 42 4.41 29.37 -6.79
CA CYS A 42 4.53 27.91 -6.52
C CYS A 42 3.87 27.12 -7.66
N GLU A 43 4.65 26.29 -8.35
CA GLU A 43 4.17 25.59 -9.58
C GLU A 43 3.89 24.10 -9.29
N LEU A 44 4.33 23.60 -8.14
CA LEU A 44 4.03 22.20 -7.71
C LEU A 44 4.43 21.23 -8.83
N PRO A 45 5.65 21.36 -9.41
CA PRO A 45 6.10 20.43 -10.45
C PRO A 45 6.12 19.01 -9.87
N SER A 46 5.58 18.05 -10.61
CA SER A 46 5.57 16.59 -10.30
C SER A 46 4.49 16.22 -9.28
N PHE A 47 3.55 17.10 -8.93
CA PHE A 47 2.43 16.78 -7.99
C PHE A 47 1.13 16.80 -8.78
N ASP A 48 0.28 15.77 -8.57
CA ASP A 48 -1.13 15.75 -9.02
C ASP A 48 -2.01 15.88 -7.78
N VAL A 49 -2.46 17.09 -7.48
CA VAL A 49 -3.21 17.43 -6.24
C VAL A 49 -4.54 16.69 -6.27
N THR A 50 -4.96 16.16 -7.42
CA THR A 50 -6.26 15.46 -7.52
C THR A 50 -6.16 13.97 -7.17
N ASP A 51 -4.95 13.43 -6.95
CA ASP A 51 -4.72 11.96 -6.90
C ASP A 51 -4.92 11.45 -5.47
N VAL A 52 -5.49 10.26 -5.32
CA VAL A 52 -5.70 9.67 -3.95
C VAL A 52 -4.35 9.32 -3.31
N GLU A 53 -3.26 9.26 -4.07
CA GLU A 53 -1.93 8.96 -3.48
C GLU A 53 -1.11 10.22 -3.41
N PHE A 54 -1.71 11.37 -3.67
CA PHE A 54 -1.02 12.66 -3.42
C PHE A 54 -0.42 12.69 -2.01
N ASP A 55 0.82 13.17 -1.89
CA ASP A 55 1.64 13.12 -0.64
C ASP A 55 1.94 14.55 -0.19
N LEU A 56 1.16 15.08 0.75
CA LEU A 56 1.35 16.45 1.26
C LEU A 56 2.67 16.57 2.03
N PHE A 57 3.15 15.53 2.70
CA PHE A 57 4.47 15.61 3.38
C PHE A 57 5.59 15.77 2.34
N ARG A 58 5.52 15.05 1.22
CA ARG A 58 6.52 15.22 0.12
C ARG A 58 6.42 16.65 -0.43
N ALA A 59 5.22 17.17 -0.66
CA ALA A 59 5.01 18.59 -1.08
C ALA A 59 5.61 19.56 -0.06
N ARG A 60 5.45 19.35 1.24
CA ARG A 60 6.03 20.24 2.26
C ARG A 60 7.56 20.10 2.24
N GLU A 61 8.10 18.92 1.97
CA GLU A 61 9.59 18.76 1.94
C GLU A 61 10.19 19.36 0.65
N SER A 62 9.38 19.64 -0.38
CA SER A 62 9.84 20.01 -1.73
C SER A 62 10.46 21.41 -1.79
N THR A 63 10.16 22.29 -0.84
CA THR A 63 10.63 23.70 -0.86
C THR A 63 10.84 24.15 0.58
N ASP A 64 11.37 25.34 0.77
CA ASP A 64 11.63 25.91 2.11
C ASP A 64 10.51 26.89 2.44
N LYS A 65 9.44 26.93 1.63
CA LYS A 65 8.22 27.76 1.88
C LYS A 65 6.98 26.85 1.90
N PRO A 66 6.92 25.87 2.82
CA PRO A 66 5.84 24.88 2.82
C PRO A 66 4.44 25.50 3.00
N LEU A 67 4.35 26.64 3.66
CA LEU A 67 3.04 27.31 3.87
C LEU A 67 2.55 27.89 2.54
N ASP A 68 3.46 28.28 1.66
CA ASP A 68 3.10 28.84 0.33
C ASP A 68 2.66 27.69 -0.57
N VAL A 69 3.43 26.62 -0.57
CA VAL A 69 3.10 25.37 -1.31
C VAL A 69 1.71 24.86 -0.85
N ALA A 70 1.42 24.89 0.43
CA ALA A 70 0.15 24.36 0.98
C ALA A 70 -0.99 25.23 0.47
N ALA A 71 -0.79 26.55 0.48
CA ALA A 71 -1.80 27.52 0.01
C ALA A 71 -1.98 27.33 -1.49
N ALA A 72 -0.91 27.00 -2.23
CA ALA A 72 -0.96 26.83 -3.71
C ALA A 72 -1.70 25.54 -4.04
N ILE A 73 -1.58 24.55 -3.18
CA ILE A 73 -2.35 23.27 -3.32
C ILE A 73 -3.83 23.60 -3.19
N ALA A 74 -4.23 24.30 -2.14
CA ALA A 74 -5.64 24.62 -1.87
C ALA A 74 -6.19 25.46 -3.03
N TYR A 75 -5.39 26.43 -3.48
CA TYR A 75 -5.78 27.34 -4.57
C TYR A 75 -6.03 26.54 -5.85
N ARG A 76 -5.09 25.65 -6.20
CA ARG A 76 -5.18 24.81 -7.41
C ARG A 76 -6.37 23.85 -7.32
N LEU A 77 -6.62 23.25 -6.16
CA LEU A 77 -7.78 22.32 -5.99
C LEU A 77 -9.05 23.12 -6.24
N LEU A 78 -9.15 24.33 -5.69
CA LEU A 78 -10.43 25.09 -5.77
C LEU A 78 -10.65 25.59 -7.21
N LEU A 79 -9.64 26.15 -7.88
CA LEU A 79 -9.78 26.57 -9.31
C LEU A 79 -9.99 25.39 -10.24
N GLY A 80 -9.34 24.26 -9.97
CA GLY A 80 -9.42 23.06 -10.81
C GLY A 80 -10.81 22.47 -10.78
N SER A 81 -11.55 22.66 -9.68
CA SER A 81 -12.95 22.16 -9.57
C SER A 81 -13.84 22.87 -10.60
N GLY A 82 -13.45 24.09 -10.97
CA GLY A 82 -14.28 25.01 -11.79
C GLY A 82 -15.39 25.68 -10.98
N LEU A 83 -15.40 25.52 -9.65
CA LEU A 83 -16.59 25.93 -8.87
C LEU A 83 -16.58 27.41 -8.53
N PRO A 84 -15.46 27.99 -8.05
CA PRO A 84 -15.48 29.39 -7.60
C PRO A 84 -15.99 30.32 -8.70
N GLN A 85 -15.45 30.12 -9.91
CA GLN A 85 -15.80 30.82 -11.19
C GLN A 85 -17.34 30.82 -11.33
N LYS A 86 -17.98 29.68 -11.14
CA LYS A 86 -19.45 29.54 -11.32
C LYS A 86 -20.27 30.33 -10.31
N PHE A 87 -19.71 30.67 -9.15
CA PHE A 87 -20.44 31.33 -8.05
C PHE A 87 -19.92 32.75 -7.86
N GLY A 88 -19.29 33.32 -8.88
CA GLY A 88 -18.94 34.75 -8.87
C GLY A 88 -17.78 35.02 -7.94
N CYS A 89 -16.96 34.00 -7.64
CA CYS A 89 -15.79 34.17 -6.76
C CYS A 89 -14.56 34.32 -7.65
N SER A 90 -13.90 35.48 -7.60
CA SER A 90 -12.71 35.76 -8.43
C SER A 90 -11.52 34.99 -7.87
N ASP A 91 -10.52 34.78 -8.72
CA ASP A 91 -9.22 34.16 -8.36
C ASP A 91 -8.63 34.89 -7.16
N GLU A 92 -8.73 36.22 -7.14
CA GLU A 92 -8.08 37.03 -6.10
C GLU A 92 -8.80 36.87 -4.76
N VAL A 93 -10.12 36.91 -4.76
CA VAL A 93 -10.93 36.75 -3.53
C VAL A 93 -10.68 35.34 -3.01
N LEU A 94 -10.55 34.33 -3.89
CA LEU A 94 -10.34 32.94 -3.45
C LEU A 94 -9.01 32.87 -2.73
N LEU A 95 -7.99 33.48 -3.34
CA LEU A 95 -6.63 33.46 -2.76
C LEU A 95 -6.61 34.28 -1.48
N ASN A 96 -7.29 35.42 -1.40
CA ASN A 96 -7.36 36.19 -0.13
C ASN A 96 -7.98 35.31 0.99
N PHE A 97 -9.08 34.64 0.69
CA PHE A 97 -9.73 33.73 1.64
C PHE A 97 -8.71 32.70 2.14
N ILE A 98 -8.04 32.03 1.22
CA ILE A 98 -7.07 30.97 1.61
C ILE A 98 -6.03 31.57 2.55
N LEU A 99 -5.51 32.76 2.27
CA LEU A 99 -4.44 33.38 3.10
C LEU A 99 -5.01 33.91 4.42
N GLN A 100 -6.25 34.39 4.45
CA GLN A 100 -6.91 34.75 5.73
C GLN A 100 -7.10 33.48 6.60
N CYS A 101 -7.46 32.35 6.02
CA CYS A 101 -7.56 31.06 6.78
C CYS A 101 -6.17 30.71 7.32
N ARG A 102 -5.18 30.79 6.43
CA ARG A 102 -3.79 30.38 6.78
C ARG A 102 -3.30 31.16 8.00
N LYS A 103 -3.54 32.47 8.05
CA LYS A 103 -3.07 33.37 9.17
C LYS A 103 -3.65 32.94 10.51
N LYS A 104 -4.76 32.20 10.52
CA LYS A 104 -5.44 31.82 11.78
C LYS A 104 -5.11 30.39 12.20
N TYR A 105 -4.24 29.67 11.52
CA TYR A 105 -3.73 28.37 12.02
C TYR A 105 -2.46 28.62 12.83
N ARG A 106 -2.25 27.79 13.83
CA ARG A 106 -1.13 27.96 14.78
C ARG A 106 -0.06 26.93 14.42
N ASN A 107 1.13 27.13 14.96
CA ASN A 107 2.26 26.19 14.82
C ASN A 107 2.09 25.07 15.85
N VAL A 108 1.12 24.17 15.63
CA VAL A 108 0.88 22.97 16.48
C VAL A 108 1.21 21.79 15.59
N PRO A 109 1.50 20.62 16.18
CA PRO A 109 2.01 19.49 15.40
C PRO A 109 0.99 18.92 14.39
N TYR A 110 -0.31 18.92 14.72
CA TYR A 110 -1.33 18.25 13.88
C TYR A 110 -2.39 19.25 13.38
N HIS A 111 -3.07 19.99 14.26
CA HIS A 111 -4.20 20.88 13.86
C HIS A 111 -3.66 22.22 13.37
N ASN A 112 -2.90 22.16 12.31
CA ASN A 112 -2.25 23.33 11.67
C ASN A 112 -2.83 23.46 10.26
N PHE A 113 -2.31 24.39 9.46
CA PHE A 113 -2.80 24.63 8.09
C PHE A 113 -2.68 23.36 7.24
N TYR A 114 -1.65 22.54 7.46
CA TYR A 114 -1.40 21.33 6.63
C TYR A 114 -2.58 20.35 6.81
N HIS A 115 -3.12 20.24 8.03
CA HIS A 115 -4.30 19.38 8.29
C HIS A 115 -5.49 19.83 7.44
N VAL A 116 -5.78 21.12 7.39
CA VAL A 116 -7.03 21.60 6.71
C VAL A 116 -6.84 21.53 5.20
N VAL A 117 -5.64 21.78 4.71
CA VAL A 117 -5.32 21.58 3.28
C VAL A 117 -5.43 20.09 2.95
N ASP A 118 -4.91 19.21 3.79
CA ASP A 118 -5.05 17.75 3.60
C ASP A 118 -6.55 17.43 3.52
N VAL A 119 -7.36 17.98 4.43
CA VAL A 119 -8.83 17.60 4.44
C VAL A 119 -9.49 18.09 3.15
N CYS A 120 -9.18 19.31 2.69
CA CYS A 120 -9.65 19.91 1.42
C CYS A 120 -9.29 18.98 0.25
N GLN A 121 -8.00 18.58 0.17
CA GLN A 121 -7.50 17.67 -0.92
C GLN A 121 -8.22 16.32 -0.81
N THR A 122 -8.43 15.84 0.41
CA THR A 122 -9.05 14.52 0.60
C THR A 122 -10.50 14.59 0.12
N ILE A 123 -11.20 15.60 0.58
CA ILE A 123 -12.64 15.81 0.17
C ILE A 123 -12.73 15.92 -1.35
N HIS A 124 -11.81 16.62 -2.00
CA HIS A 124 -11.75 16.72 -3.48
C HIS A 124 -11.72 15.30 -4.05
N THR A 125 -10.91 14.40 -3.48
CA THR A 125 -10.85 13.00 -3.99
C THR A 125 -12.17 12.29 -3.73
N PHE A 126 -12.79 12.47 -2.57
CA PHE A 126 -14.10 11.80 -2.28
C PHE A 126 -15.13 12.26 -3.31
N LEU A 127 -15.17 13.57 -3.53
CA LEU A 127 -16.17 14.18 -4.46
C LEU A 127 -15.93 13.66 -5.87
N TYR A 128 -14.70 13.72 -6.37
CA TYR A 128 -14.40 13.57 -7.82
C TYR A 128 -13.79 12.21 -8.17
N ARG A 129 -12.97 11.56 -7.33
CA ARG A 129 -12.52 10.18 -7.61
C ARG A 129 -13.57 9.20 -7.08
N GLY A 130 -14.25 9.56 -6.00
CA GLY A 130 -15.27 8.69 -5.37
C GLY A 130 -16.68 8.99 -5.87
N ASN A 131 -16.84 9.96 -6.75
CA ASN A 131 -18.11 10.29 -7.44
C ASN A 131 -19.18 10.73 -6.44
N VAL A 132 -18.79 11.18 -5.25
CA VAL A 132 -19.77 11.73 -4.29
C VAL A 132 -20.33 13.06 -4.83
N TYR A 133 -19.68 13.76 -5.77
CA TYR A 133 -20.20 15.00 -6.38
C TYR A 133 -21.60 14.72 -6.95
N GLU A 134 -21.87 13.48 -7.39
CA GLU A 134 -23.19 13.10 -7.98
C GLU A 134 -24.32 13.23 -6.95
N LYS A 135 -24.04 13.25 -5.67
CA LYS A 135 -25.07 13.29 -4.60
C LYS A 135 -25.43 14.74 -4.22
N LEU A 136 -24.65 15.70 -4.72
CA LEU A 136 -24.67 17.09 -4.21
C LEU A 136 -24.80 18.09 -5.37
N THR A 137 -25.20 19.30 -5.04
CA THR A 137 -25.22 20.36 -6.06
C THR A 137 -23.79 20.93 -6.17
N GLU A 138 -23.53 21.64 -7.25
CA GLU A 138 -22.23 22.32 -7.43
C GLU A 138 -21.97 23.23 -6.22
N LEU A 139 -23.00 23.93 -5.75
CA LEU A 139 -22.87 24.85 -4.58
C LEU A 139 -22.39 24.05 -3.36
N GLU A 140 -23.02 22.89 -3.11
CA GLU A 140 -22.65 22.02 -1.96
C GLU A 140 -21.17 21.63 -2.09
N CYS A 141 -20.75 21.22 -3.29
CA CYS A 141 -19.34 20.81 -3.52
C CYS A 141 -18.39 21.97 -3.21
N PHE A 142 -18.72 23.17 -3.68
CA PHE A 142 -17.95 24.40 -3.43
C PHE A 142 -17.87 24.64 -1.93
N VAL A 143 -19.01 24.59 -1.25
CA VAL A 143 -19.07 24.84 0.22
C VAL A 143 -18.17 23.80 0.93
N LEU A 144 -18.25 22.55 0.55
CA LEU A 144 -17.45 21.52 1.25
C LEU A 144 -15.97 21.81 1.13
N LEU A 145 -15.49 22.13 -0.07
CA LEU A 145 -14.05 22.45 -0.29
C LEU A 145 -13.64 23.68 0.53
N ILE A 146 -14.50 24.70 0.58
CA ILE A 146 -14.20 25.95 1.35
C ILE A 146 -14.29 25.63 2.85
N THR A 147 -15.28 24.83 3.25
CA THR A 147 -15.47 24.45 4.68
C THR A 147 -14.19 23.78 5.20
N ALA A 148 -13.62 22.86 4.41
CA ALA A 148 -12.40 22.14 4.81
C ALA A 148 -11.36 23.12 5.35
N LEU A 149 -11.20 24.24 4.69
CA LEU A 149 -10.13 25.21 5.05
C LEU A 149 -10.51 25.98 6.31
N VAL A 150 -11.79 26.06 6.72
CA VAL A 150 -12.13 26.85 7.94
C VAL A 150 -12.31 25.93 9.15
N HIS A 151 -12.30 24.61 9.00
CA HIS A 151 -12.99 23.73 9.96
C HIS A 151 -12.24 23.60 11.29
N ASP A 152 -10.98 24.03 11.36
CA ASP A 152 -10.19 23.97 12.62
C ASP A 152 -9.53 25.30 12.94
N LEU A 153 -10.10 26.43 12.48
CA LEU A 153 -9.45 27.76 12.65
C LEU A 153 -9.06 28.00 14.12
N ASP A 154 -7.81 28.39 14.32
CA ASP A 154 -7.27 28.87 15.62
C ASP A 154 -7.21 27.71 16.62
N HIS A 155 -7.18 26.45 16.16
CA HIS A 155 -6.95 25.28 17.05
C HIS A 155 -5.64 25.48 17.79
N MET A 156 -5.60 25.18 19.09
CA MET A 156 -4.38 25.45 19.92
C MET A 156 -3.77 24.11 20.34
N GLY A 157 -4.18 23.02 19.71
CA GLY A 157 -3.70 21.65 19.97
C GLY A 157 -4.21 21.05 21.26
N LEU A 158 -5.33 21.56 21.77
CA LEU A 158 -6.06 21.08 22.97
C LEU A 158 -7.48 20.74 22.53
N ASN A 159 -8.02 19.63 22.99
CA ASN A 159 -9.38 19.16 22.58
C ASN A 159 -10.44 19.81 23.47
N ASN A 160 -11.72 19.55 23.19
CA ASN A 160 -12.84 20.17 23.95
C ASN A 160 -12.70 19.81 25.43
N SER A 161 -12.35 18.55 25.71
CA SER A 161 -12.24 18.03 27.09
C SER A 161 -11.25 18.87 27.92
N PHE A 162 -10.13 19.26 27.34
CA PHE A 162 -9.13 20.06 28.06
C PHE A 162 -9.78 21.35 28.58
N TYR A 163 -10.56 22.05 27.75
CA TYR A 163 -11.16 23.36 28.12
C TYR A 163 -12.17 23.13 29.25
N LEU A 164 -12.96 22.06 29.20
CA LEU A 164 -14.00 21.79 30.21
C LEU A 164 -13.33 21.34 31.53
N LYS A 165 -12.33 20.45 31.46
CA LYS A 165 -11.68 19.87 32.66
C LYS A 165 -10.97 20.95 33.43
N THR A 166 -10.31 21.88 32.74
CA THR A 166 -9.46 22.92 33.38
C THR A 166 -10.33 24.14 33.75
N GLU A 167 -11.65 24.11 33.45
CA GLU A 167 -12.55 25.30 33.58
C GLU A 167 -11.82 26.51 33.01
N SER A 168 -11.29 26.42 31.79
CA SER A 168 -10.73 27.59 31.10
C SER A 168 -11.89 28.53 30.74
N PRO A 169 -11.60 29.82 30.48
CA PRO A 169 -12.68 30.77 30.14
C PRO A 169 -13.57 30.32 28.97
N LEU A 170 -12.95 29.79 27.92
CA LEU A 170 -13.69 29.31 26.73
C LEU A 170 -14.58 28.13 27.14
N GLY A 171 -14.07 27.27 28.03
CA GLY A 171 -14.84 26.14 28.59
C GLY A 171 -16.02 26.64 29.41
N ILE A 172 -15.80 27.64 30.23
CA ILE A 172 -16.90 28.21 31.08
C ILE A 172 -17.97 28.82 30.16
N LEU A 173 -17.56 29.56 29.15
CA LEU A 173 -18.50 30.19 28.17
C LEU A 173 -19.33 29.12 27.48
N SER A 174 -18.69 28.05 26.99
CA SER A 174 -19.40 26.91 26.34
C SER A 174 -20.41 26.32 27.32
N SER A 175 -20.01 26.03 28.56
CA SER A 175 -20.95 25.46 29.57
C SER A 175 -22.08 26.46 29.81
N ALA A 176 -21.76 27.74 30.06
CA ALA A 176 -22.76 28.78 30.40
C ALA A 176 -23.76 28.92 29.23
N SER A 177 -23.29 28.85 27.98
CA SER A 177 -24.14 29.15 26.80
C SER A 177 -24.84 27.89 26.31
N GLY A 178 -24.49 26.71 26.83
CA GLY A 178 -25.25 25.47 26.58
C GLY A 178 -24.74 24.71 25.36
N ASN A 179 -23.51 24.94 24.91
CA ASN A 179 -22.93 24.19 23.76
C ASN A 179 -21.54 23.72 24.14
N THR A 180 -21.38 22.41 24.35
CA THR A 180 -20.12 21.73 24.74
C THR A 180 -19.17 21.56 23.54
N SER A 181 -19.58 21.88 22.31
CA SER A 181 -18.65 21.85 21.14
C SER A 181 -17.76 23.09 21.17
N VAL A 182 -16.85 23.12 22.14
CA VAL A 182 -16.09 24.35 22.50
C VAL A 182 -15.36 24.84 21.26
N LEU A 183 -14.55 23.99 20.66
CA LEU A 183 -13.68 24.41 19.56
C LEU A 183 -14.51 24.66 18.30
N GLU A 184 -15.49 23.81 18.00
CA GLU A 184 -16.21 23.85 16.71
C GLU A 184 -16.97 25.17 16.64
N VAL A 185 -17.56 25.62 17.75
CA VAL A 185 -18.27 26.92 17.74
C VAL A 185 -17.25 28.04 17.52
N HIS A 186 -16.07 27.93 18.12
CA HIS A 186 -14.96 28.91 17.95
C HIS A 186 -14.54 28.98 16.49
N HIS A 187 -14.31 27.82 15.83
CA HIS A 187 -13.92 27.80 14.41
C HIS A 187 -14.99 28.52 13.60
N CYS A 188 -16.27 28.28 13.86
CA CYS A 188 -17.37 28.88 13.07
C CYS A 188 -17.32 30.42 13.23
N ASN A 189 -17.06 30.91 14.42
CA ASN A 189 -17.00 32.35 14.73
C ASN A 189 -15.93 33.00 13.86
N LEU A 190 -14.79 32.35 13.74
CA LEU A 190 -13.70 32.93 12.95
C LEU A 190 -13.96 32.78 11.45
N ALA A 191 -14.65 31.72 11.00
CA ALA A 191 -15.01 31.57 9.58
C ALA A 191 -15.91 32.77 9.21
N VAL A 192 -16.90 33.06 10.04
CA VAL A 192 -17.91 34.15 9.81
C VAL A 192 -17.17 35.49 9.73
N GLU A 193 -16.19 35.72 10.61
CA GLU A 193 -15.33 36.92 10.62
C GLU A 193 -14.61 37.04 9.26
N ILE A 194 -13.94 35.99 8.78
CA ILE A 194 -13.25 36.03 7.46
C ILE A 194 -14.24 36.36 6.34
N LEU A 195 -15.40 35.74 6.35
CA LEU A 195 -16.37 35.92 5.24
C LEU A 195 -17.10 37.27 5.34
N SER A 196 -16.92 38.03 6.40
CA SER A 196 -17.68 39.30 6.62
C SER A 196 -17.04 40.44 5.79
N ASP A 197 -15.84 40.27 5.27
CA ASP A 197 -15.17 41.23 4.34
C ASP A 197 -15.30 40.75 2.90
N PRO A 198 -15.92 41.54 1.99
CA PRO A 198 -16.04 41.15 0.58
C PRO A 198 -14.70 40.70 -0.04
N GLU A 199 -13.57 41.26 0.37
CA GLU A 199 -12.25 40.92 -0.25
C GLU A 199 -11.87 39.45 0.03
N SER A 200 -12.46 38.79 1.03
CA SER A 200 -12.19 37.36 1.33
C SER A 200 -13.48 36.58 1.49
N ASP A 201 -14.60 37.06 0.94
CA ASP A 201 -15.88 36.32 0.98
C ASP A 201 -16.09 35.53 -0.32
N VAL A 202 -15.72 34.25 -0.30
CA VAL A 202 -15.89 33.30 -1.45
C VAL A 202 -17.39 33.09 -1.76
N PHE A 203 -18.26 33.55 -0.86
CA PHE A 203 -19.74 33.45 -1.06
C PHE A 203 -20.36 34.80 -1.43
N ASP A 204 -19.55 35.83 -1.68
CA ASP A 204 -20.09 37.18 -2.00
C ASP A 204 -20.93 37.15 -3.29
N GLY A 205 -20.65 36.22 -4.21
CA GLY A 205 -21.40 36.09 -5.46
C GLY A 205 -22.77 35.51 -5.24
N LEU A 206 -23.09 35.08 -4.03
CA LEU A 206 -24.41 34.46 -3.74
C LEU A 206 -25.35 35.47 -3.08
N GLU A 207 -26.66 35.24 -3.16
CA GLU A 207 -27.65 36.05 -2.44
C GLU A 207 -28.84 35.18 -2.05
N GLY A 208 -29.70 35.71 -1.19
CA GLY A 208 -30.95 35.05 -0.80
C GLY A 208 -30.68 33.66 -0.28
N ALA A 209 -31.50 32.70 -0.72
CA ALA A 209 -31.52 31.31 -0.23
C ALA A 209 -30.17 30.64 -0.44
N GLU A 210 -29.45 30.91 -1.53
CA GLU A 210 -28.18 30.23 -1.86
C GLU A 210 -27.13 30.68 -0.85
N ARG A 211 -27.09 31.98 -0.56
CA ARG A 211 -26.10 32.49 0.43
C ARG A 211 -26.40 31.93 1.81
N THR A 212 -27.68 31.89 2.20
CA THR A 212 -28.08 31.29 3.49
C THR A 212 -27.63 29.83 3.52
N LEU A 213 -27.91 29.08 2.46
CA LEU A 213 -27.53 27.64 2.42
C LEU A 213 -26.02 27.49 2.54
N ALA A 214 -25.25 28.32 1.85
CA ALA A 214 -23.78 28.24 1.94
C ALA A 214 -23.34 28.41 3.40
N PHE A 215 -23.80 29.46 4.10
CA PHE A 215 -23.37 29.70 5.51
C PHE A 215 -23.91 28.59 6.39
N ARG A 216 -25.18 28.22 6.27
CA ARG A 216 -25.77 27.24 7.22
C ARG A 216 -25.05 25.89 7.05
N SER A 217 -24.79 25.47 5.82
CA SER A 217 -24.22 24.14 5.49
C SER A 217 -22.77 24.15 5.95
N MET A 218 -22.06 25.26 5.75
CA MET A 218 -20.67 25.36 6.26
C MET A 218 -20.67 25.19 7.78
N ILE A 219 -21.52 25.94 8.48
CA ILE A 219 -21.61 25.90 9.95
C ILE A 219 -22.08 24.52 10.45
N ASP A 220 -23.13 23.95 9.87
CA ASP A 220 -23.59 22.57 10.23
C ASP A 220 -22.44 21.56 10.07
N CYS A 221 -21.68 21.65 8.98
CA CYS A 221 -20.54 20.74 8.70
C CYS A 221 -19.50 20.89 9.81
N VAL A 222 -19.07 22.11 10.14
CA VAL A 222 -18.03 22.32 11.16
C VAL A 222 -18.52 21.77 12.52
N LEU A 223 -19.76 22.08 12.91
CA LEU A 223 -20.33 21.63 14.18
C LEU A 223 -20.36 20.09 14.19
N ALA A 224 -20.57 19.44 13.04
CA ALA A 224 -20.67 17.96 12.98
C ALA A 224 -19.28 17.31 13.13
N THR A 225 -18.17 18.05 13.08
CA THR A 225 -16.83 17.47 13.27
C THR A 225 -16.55 17.13 14.74
N ASP A 226 -17.38 17.58 15.68
CA ASP A 226 -17.18 17.23 17.11
C ASP A 226 -17.36 15.71 17.26
N MET A 227 -16.31 15.00 17.64
CA MET A 227 -16.31 13.51 17.71
C MET A 227 -17.29 13.00 18.78
N ALA A 228 -17.75 13.84 19.70
CA ALA A 228 -18.75 13.42 20.70
C ALA A 228 -20.08 13.17 19.96
N LYS A 229 -20.23 13.71 18.76
CA LYS A 229 -21.46 13.55 17.96
C LYS A 229 -21.22 12.46 16.89
N HIS A 230 -20.10 11.75 16.92
CA HIS A 230 -19.74 10.79 15.83
C HIS A 230 -20.87 9.77 15.57
N GLY A 231 -21.27 9.02 16.60
CA GLY A 231 -22.23 7.92 16.43
C GLY A 231 -23.59 8.43 16.01
N SER A 232 -24.06 9.55 16.57
CA SER A 232 -25.40 10.10 16.23
C SER A 232 -25.40 10.59 14.77
N ALA A 233 -24.36 11.27 14.32
CA ALA A 233 -24.20 11.78 12.94
C ALA A 233 -24.15 10.59 11.96
N LEU A 234 -23.37 9.57 12.27
CA LEU A 234 -23.28 8.42 11.36
C LEU A 234 -24.64 7.75 11.27
N GLU A 235 -25.28 7.53 12.42
CA GLU A 235 -26.60 6.85 12.50
C GLU A 235 -27.65 7.64 11.69
N ALA A 236 -27.69 8.96 11.83
CA ALA A 236 -28.68 9.79 11.09
C ALA A 236 -28.43 9.67 9.58
N PHE A 237 -27.17 9.74 9.15
CA PHE A 237 -26.84 9.62 7.71
C PHE A 237 -27.28 8.26 7.18
N LEU A 238 -26.93 7.19 7.87
CA LEU A 238 -27.29 5.80 7.45
C LEU A 238 -28.82 5.68 7.38
N ALA A 239 -29.58 6.26 8.30
CA ALA A 239 -31.05 6.11 8.30
C ALA A 239 -31.64 6.91 7.14
N SER A 240 -31.07 8.09 6.84
CA SER A 240 -31.49 8.90 5.68
C SER A 240 -31.15 8.16 4.38
N ALA A 241 -29.93 7.59 4.24
CA ALA A 241 -29.51 6.93 2.99
C ALA A 241 -30.41 5.73 2.71
N ALA A 242 -30.85 5.01 3.75
CA ALA A 242 -31.66 3.78 3.61
C ALA A 242 -33.13 4.13 3.28
N ASP A 243 -33.52 5.40 3.42
CA ASP A 243 -34.94 5.86 3.32
C ASP A 243 -35.15 6.54 1.98
N GLN A 244 -35.79 5.86 1.04
CA GLN A 244 -36.00 6.49 -0.31
C GLN A 244 -36.92 7.72 -0.19
N SER A 245 -37.65 7.89 0.91
CA SER A 245 -38.50 9.08 1.16
C SER A 245 -37.83 10.09 2.08
N SER A 246 -36.53 9.98 2.33
CA SER A 246 -35.85 11.00 3.16
C SER A 246 -36.10 12.38 2.55
N ASP A 247 -36.23 13.39 3.39
CA ASP A 247 -36.25 14.78 2.91
C ASP A 247 -34.95 15.01 2.12
N GLU A 248 -35.05 15.58 0.93
CA GLU A 248 -33.88 15.68 0.02
C GLU A 248 -32.87 16.72 0.58
N ALA A 249 -33.34 17.89 0.98
CA ALA A 249 -32.48 18.90 1.62
C ALA A 249 -31.78 18.29 2.85
N ALA A 250 -32.50 17.54 3.72
CA ALA A 250 -31.84 16.90 4.89
C ALA A 250 -30.77 15.88 4.45
N PHE A 251 -31.05 15.00 3.47
CA PHE A 251 -30.08 14.03 2.92
C PHE A 251 -28.83 14.75 2.40
N HIS A 252 -29.02 15.84 1.67
CA HIS A 252 -27.87 16.61 1.14
C HIS A 252 -27.02 17.15 2.31
N ARG A 253 -27.66 17.72 3.31
CA ARG A 253 -26.92 18.32 4.44
C ARG A 253 -26.15 17.22 5.18
N MET A 254 -26.80 16.07 5.43
CA MET A 254 -26.12 14.99 6.16
C MET A 254 -24.99 14.38 5.32
N THR A 255 -25.12 14.37 3.99
CA THR A 255 -24.07 13.89 3.09
C THR A 255 -22.87 14.84 3.22
N MET A 256 -23.13 16.14 3.22
CA MET A 256 -22.04 17.14 3.43
C MET A 256 -21.36 16.91 4.80
N GLU A 257 -22.14 16.74 5.84
CA GLU A 257 -21.57 16.57 7.20
C GLU A 257 -20.70 15.31 7.21
N ILE A 258 -21.20 14.24 6.61
CA ILE A 258 -20.50 12.93 6.60
C ILE A 258 -19.21 13.03 5.77
N ILE A 259 -19.23 13.83 4.73
CA ILE A 259 -18.01 13.98 3.88
C ILE A 259 -16.96 14.78 4.65
N LEU A 260 -17.35 15.88 5.31
CA LEU A 260 -16.35 16.59 6.13
C LEU A 260 -15.85 15.71 7.27
N LYS A 261 -16.71 14.93 7.93
CA LYS A 261 -16.22 14.00 8.97
C LYS A 261 -15.27 12.98 8.33
N ALA A 262 -15.60 12.44 7.16
CA ALA A 262 -14.78 11.44 6.47
C ALA A 262 -13.39 12.06 6.21
N GLY A 263 -13.37 13.26 5.68
CA GLY A 263 -12.09 13.94 5.41
C GLY A 263 -11.29 14.10 6.70
N ASP A 264 -11.97 14.48 7.76
CA ASP A 264 -11.33 14.72 9.07
C ASP A 264 -10.73 13.42 9.64
N ILE A 265 -11.29 12.23 9.44
CA ILE A 265 -10.70 10.98 9.98
C ILE A 265 -10.13 10.11 8.84
N SER A 266 -9.66 10.73 7.77
CA SER A 266 -9.18 10.08 6.54
C SER A 266 -7.69 9.64 6.64
N ASN A 267 -6.96 10.00 7.69
CA ASN A 267 -5.50 9.73 7.78
C ASN A 267 -5.25 8.21 7.56
N VAL A 268 -6.13 7.35 8.06
CA VAL A 268 -5.94 5.87 7.99
C VAL A 268 -6.30 5.36 6.60
N THR A 269 -6.85 6.19 5.71
CA THR A 269 -7.24 5.79 4.34
C THR A 269 -6.10 6.09 3.37
N LYS A 270 -5.00 6.66 3.85
CA LYS A 270 -3.90 7.13 2.98
C LYS A 270 -2.83 6.03 2.86
N PRO A 271 -1.93 6.08 1.86
CA PRO A 271 -0.81 5.13 1.81
C PRO A 271 -0.11 5.12 3.17
N PHE A 272 0.31 3.92 3.56
CA PHE A 272 0.87 3.63 4.90
C PHE A 272 1.81 4.71 5.40
N ASP A 273 2.82 5.11 4.63
CA ASP A 273 3.85 6.05 5.14
C ASP A 273 3.26 7.44 5.36
N ILE A 274 2.30 7.88 4.53
CA ILE A 274 1.54 9.14 4.83
C ILE A 274 0.75 8.96 6.14
N SER A 275 0.01 7.85 6.25
CA SER A 275 -0.84 7.51 7.41
C SER A 275 0.01 7.56 8.68
N ARG A 276 1.21 7.00 8.61
CA ARG A 276 2.12 6.96 9.77
C ARG A 276 2.60 8.36 10.14
N GLN A 277 2.99 9.19 9.18
CA GLN A 277 3.47 10.55 9.52
C GLN A 277 2.32 11.35 10.20
N TRP A 278 1.07 11.22 9.74
CA TRP A 278 -0.06 11.90 10.41
C TRP A 278 -0.17 11.36 11.84
N ALA A 279 -0.07 10.06 12.03
CA ALA A 279 -0.28 9.41 13.35
C ALA A 279 0.76 9.93 14.32
N MET A 280 1.98 10.17 13.86
CA MET A 280 3.07 10.70 14.75
C MET A 280 2.76 12.13 15.15
N ALA A 281 2.24 12.94 14.22
CA ALA A 281 1.90 14.36 14.48
C ALA A 281 0.76 14.37 15.50
N VAL A 282 -0.24 13.50 15.34
CA VAL A 282 -1.40 13.45 16.29
C VAL A 282 -0.89 13.11 17.70
N THR A 283 -0.05 12.08 17.80
CA THR A 283 0.48 11.58 19.10
C THR A 283 1.24 12.71 19.78
N GLU A 284 2.05 13.45 19.03
CA GLU A 284 2.88 14.52 19.66
C GLU A 284 1.93 15.60 20.19
N GLU A 285 0.91 15.96 19.41
CA GLU A 285 -0.08 16.96 19.88
C GLU A 285 -0.76 16.48 21.16
N PHE A 286 -1.16 15.21 21.19
CA PHE A 286 -1.84 14.62 22.37
C PHE A 286 -0.88 14.62 23.59
N TYR A 287 0.40 14.32 23.35
CA TYR A 287 1.42 14.28 24.44
C TYR A 287 1.59 15.68 25.02
N ARG A 288 1.65 16.71 24.18
CA ARG A 288 1.75 18.12 24.64
C ARG A 288 0.50 18.48 25.46
N GLN A 289 -0.69 18.02 25.07
CA GLN A 289 -1.88 18.26 25.90
C GLN A 289 -1.67 17.58 27.26
N GLY A 290 -1.35 16.29 27.27
CA GLY A 290 -1.11 15.50 28.49
C GLY A 290 -0.09 16.17 29.39
N ASP A 291 0.97 16.73 28.84
CA ASP A 291 1.97 17.46 29.63
C ASP A 291 1.27 18.62 30.36
N MET A 292 0.46 19.40 29.64
CA MET A 292 -0.20 20.61 30.22
C MET A 292 -1.23 20.16 31.26
N GLU A 293 -1.92 19.05 31.02
CA GLU A 293 -2.93 18.55 31.98
C GLU A 293 -2.21 18.12 33.27
N LYS A 294 -1.03 17.52 33.16
CA LYS A 294 -0.21 17.07 34.32
C LYS A 294 0.11 18.30 35.19
N GLU A 295 0.69 19.34 34.58
CA GLU A 295 1.09 20.63 35.21
C GLU A 295 -0.12 21.38 35.79
N ARG A 296 -1.36 21.12 35.35
CA ARG A 296 -2.60 21.76 35.91
C ARG A 296 -3.32 20.77 36.82
N GLY A 297 -2.76 19.56 37.01
CA GLY A 297 -3.28 18.52 37.91
C GLY A 297 -4.68 18.03 37.55
N VAL A 298 -5.02 17.89 36.27
CA VAL A 298 -6.34 17.32 35.86
C VAL A 298 -6.09 15.94 35.24
N GLU A 299 -7.15 15.17 35.03
CA GLU A 299 -7.08 13.78 34.50
C GLU A 299 -6.32 13.75 33.15
N VAL A 300 -5.35 12.84 33.03
CA VAL A 300 -4.58 12.59 31.77
C VAL A 300 -4.94 11.20 31.25
N LEU A 301 -5.59 11.09 30.09
CA LEU A 301 -5.93 9.77 29.50
C LEU A 301 -4.65 9.10 29.00
N PRO A 302 -4.60 7.74 28.99
CA PRO A 302 -3.35 7.03 28.67
C PRO A 302 -2.75 7.43 27.31
N MET A 303 -3.62 7.61 26.32
CA MET A 303 -3.35 8.13 24.95
C MET A 303 -2.52 9.43 25.01
N PHE A 304 -2.70 10.26 26.05
CA PHE A 304 -2.08 11.61 26.13
C PHE A 304 -0.85 11.64 27.03
N ASP A 305 -0.44 10.48 27.55
CA ASP A 305 0.61 10.35 28.59
C ASP A 305 1.92 9.86 27.96
N ARG A 306 2.92 10.73 27.81
CA ARG A 306 4.27 10.37 27.27
C ARG A 306 4.78 9.09 27.95
N SER A 307 4.67 9.08 29.27
CA SER A 307 5.19 8.01 30.16
C SER A 307 4.49 6.67 29.93
N LYS A 308 3.29 6.68 29.37
CA LYS A 308 2.58 5.42 29.03
C LYS A 308 3.31 4.68 27.89
N ASN A 309 3.95 5.43 26.99
CA ASN A 309 4.79 4.89 25.90
C ASN A 309 3.96 3.93 25.01
N MET A 310 2.70 4.25 24.75
CA MET A 310 1.82 3.30 24.01
C MET A 310 2.30 3.17 22.56
N GLU A 311 2.30 1.96 22.00
CA GLU A 311 2.89 1.70 20.65
C GLU A 311 1.97 2.29 19.56
N LEU A 312 2.53 3.00 18.59
CA LEU A 312 1.79 3.52 17.40
C LEU A 312 0.94 2.40 16.77
N ALA A 313 1.51 1.21 16.47
CA ALA A 313 0.81 0.09 15.82
C ALA A 313 -0.50 -0.20 16.52
N LYS A 314 -0.46 -0.37 17.85
CA LYS A 314 -1.68 -0.79 18.61
C LYS A 314 -2.72 0.35 18.56
N GLY A 315 -2.29 1.60 18.68
CA GLY A 315 -3.17 2.77 18.63
C GLY A 315 -3.84 2.89 17.26
N GLN A 316 -3.09 2.67 16.18
CA GLN A 316 -3.64 2.74 14.79
C GLN A 316 -4.60 1.58 14.59
N ILE A 317 -4.24 0.37 15.00
CA ILE A 317 -5.16 -0.80 14.87
C ILE A 317 -6.43 -0.52 15.67
N GLY A 318 -6.31 0.03 16.87
CA GLY A 318 -7.48 0.31 17.73
C GLY A 318 -8.40 1.35 17.06
N PHE A 319 -7.83 2.39 16.49
CA PHE A 319 -8.62 3.47 15.82
C PHE A 319 -9.28 2.92 14.55
N ILE A 320 -8.54 2.11 13.79
CA ILE A 320 -9.09 1.34 12.63
C ILE A 320 -10.25 0.47 13.09
N ASP A 321 -10.09 -0.37 14.09
CA ASP A 321 -11.11 -1.38 14.43
C ASP A 321 -12.39 -0.72 14.99
N PHE A 322 -12.27 0.28 15.85
CA PHE A 322 -13.40 0.78 16.66
C PHE A 322 -14.03 2.01 15.97
N VAL A 323 -13.27 2.78 15.20
CA VAL A 323 -13.79 4.04 14.59
C VAL A 323 -13.78 3.97 13.06
N ALA A 324 -12.59 3.94 12.42
CA ALA A 324 -12.47 4.22 10.99
C ALA A 324 -13.01 3.09 10.11
N ALA A 325 -12.74 1.80 10.40
CA ALA A 325 -13.16 0.75 9.45
C ALA A 325 -14.68 0.69 9.45
N PRO A 326 -15.36 0.70 10.60
CA PRO A 326 -16.83 0.66 10.59
C PRO A 326 -17.42 1.92 9.92
N PHE A 327 -16.81 3.08 10.14
CA PHE A 327 -17.36 4.35 9.56
C PHE A 327 -17.32 4.27 8.04
N PHE A 328 -16.14 4.01 7.48
CA PHE A 328 -15.92 3.95 6.03
C PHE A 328 -16.72 2.78 5.45
N GLN A 329 -16.78 1.63 6.12
CA GLN A 329 -17.48 0.47 5.51
C GLN A 329 -18.98 0.81 5.44
N LYS A 330 -19.52 1.39 6.52
CA LYS A 330 -20.99 1.66 6.60
C LYS A 330 -21.38 2.71 5.55
N ILE A 331 -20.60 3.78 5.38
CA ILE A 331 -21.04 4.87 4.45
C ILE A 331 -20.87 4.36 3.03
N VAL A 332 -19.80 3.59 2.77
CA VAL A 332 -19.60 3.05 1.42
C VAL A 332 -20.77 2.14 1.07
N ASP A 333 -21.12 1.22 1.96
CA ASP A 333 -22.20 0.25 1.67
C ASP A 333 -23.56 0.96 1.61
N ALA A 334 -23.75 1.99 2.41
CA ALA A 334 -25.06 2.64 2.45
C ALA A 334 -25.34 3.44 1.18
N CYS A 335 -24.30 4.00 0.57
CA CYS A 335 -24.58 5.03 -0.43
C CYS A 335 -23.37 5.46 -1.25
N LEU A 336 -22.19 5.55 -0.65
CA LEU A 336 -20.97 6.08 -1.32
C LEU A 336 -20.09 4.95 -1.87
N GLN A 337 -20.65 4.18 -2.81
CA GLN A 337 -19.95 2.98 -3.36
C GLN A 337 -18.63 3.41 -4.00
N GLY A 338 -18.56 4.58 -4.61
CA GLY A 338 -17.32 4.99 -5.29
C GLY A 338 -16.15 5.21 -4.34
N MET A 339 -16.38 5.27 -3.03
CA MET A 339 -15.28 5.46 -2.03
C MET A 339 -14.78 4.09 -1.50
N GLN A 340 -15.11 2.98 -2.17
CA GLN A 340 -14.61 1.63 -1.79
C GLN A 340 -13.10 1.68 -1.52
N TRP A 341 -12.31 2.44 -2.26
CA TRP A 341 -10.83 2.45 -2.05
C TRP A 341 -10.45 2.78 -0.60
N THR A 342 -11.27 3.54 0.12
CA THR A 342 -10.96 3.90 1.52
C THR A 342 -10.97 2.64 2.40
N VAL A 343 -11.99 1.78 2.23
CA VAL A 343 -12.16 0.52 3.00
C VAL A 343 -10.97 -0.39 2.67
N ASP A 344 -10.60 -0.46 1.38
CA ASP A 344 -9.47 -1.29 0.91
C ASP A 344 -8.15 -0.83 1.55
N ARG A 345 -7.89 0.49 1.55
CA ARG A 345 -6.63 1.01 2.11
C ARG A 345 -6.59 0.81 3.63
N ILE A 346 -7.70 1.01 4.30
CA ILE A 346 -7.74 0.79 5.77
C ILE A 346 -7.36 -0.68 6.03
N LYS A 347 -7.94 -1.58 5.27
CA LYS A 347 -7.68 -3.04 5.46
C LYS A 347 -6.19 -3.32 5.24
N SER A 348 -5.62 -2.72 4.20
CA SER A 348 -4.18 -2.82 3.85
C SER A 348 -3.32 -2.17 4.93
N ASN A 349 -3.70 -1.00 5.44
CA ASN A 349 -2.95 -0.37 6.55
C ASN A 349 -3.05 -1.23 7.81
N ARG A 350 -4.22 -1.78 8.17
CA ARG A 350 -4.32 -2.63 9.37
C ARG A 350 -3.36 -3.83 9.22
N ALA A 351 -3.25 -4.42 8.03
CA ALA A 351 -2.42 -5.62 7.78
C ALA A 351 -0.96 -5.24 7.93
N GLN A 352 -0.59 -4.04 7.51
CA GLN A 352 0.78 -3.56 7.65
C GLN A 352 1.15 -3.32 9.13
N TRP A 353 0.29 -2.68 9.91
CA TRP A 353 0.49 -2.53 11.37
C TRP A 353 0.59 -3.91 12.02
N GLU A 354 -0.19 -4.89 11.57
CA GLU A 354 -0.13 -6.25 12.13
C GLU A 354 1.27 -6.84 11.84
N ARG A 355 1.88 -6.54 10.69
CA ARG A 355 3.23 -7.00 10.32
C ARG A 355 4.27 -6.31 11.20
N VAL A 356 4.04 -5.04 11.56
CA VAL A 356 4.87 -4.34 12.57
C VAL A 356 4.80 -5.09 13.91
N LEU A 357 3.63 -5.48 14.38
CA LEU A 357 3.51 -6.23 15.65
C LEU A 357 4.16 -7.61 15.49
N GLU A 358 3.90 -8.31 14.39
CA GLU A 358 4.35 -9.70 14.16
C GLU A 358 5.89 -9.76 14.20
N THR A 359 6.58 -8.74 13.70
CA THR A 359 8.06 -8.72 13.54
C THR A 359 8.75 -8.00 14.70
N ARG A 360 8.02 -7.45 15.66
CA ARG A 360 8.69 -6.75 16.78
C ARG A 360 9.34 -7.80 17.72
N VAL B 28 -1.68 -27.73 7.27
CA VAL B 28 -2.13 -28.68 8.35
C VAL B 28 -3.64 -28.96 8.19
N THR B 29 -4.49 -27.94 7.91
CA THR B 29 -5.95 -28.10 7.65
C THR B 29 -6.22 -28.61 6.22
N ALA B 30 -6.98 -29.70 6.10
CA ALA B 30 -7.15 -30.47 4.85
C ALA B 30 -7.82 -29.60 3.78
N ILE B 31 -7.41 -29.75 2.53
CA ILE B 31 -8.05 -29.04 1.40
C ILE B 31 -9.44 -29.66 1.21
N THR B 32 -10.43 -28.86 0.87
CA THR B 32 -11.80 -29.37 0.69
C THR B 32 -12.10 -29.56 -0.80
N LYS B 33 -13.11 -30.37 -1.11
CA LYS B 33 -13.54 -30.61 -2.51
C LYS B 33 -13.98 -29.31 -3.15
N VAL B 34 -14.64 -28.43 -2.40
CA VAL B 34 -15.09 -27.13 -2.96
C VAL B 34 -13.86 -26.33 -3.40
N GLU B 35 -12.80 -26.33 -2.61
CA GLU B 35 -11.54 -25.63 -2.95
C GLU B 35 -10.97 -26.23 -4.25
N ARG B 36 -10.92 -27.56 -4.36
CA ARG B 36 -10.37 -28.24 -5.57
C ARG B 36 -11.21 -27.84 -6.79
N GLU B 37 -12.55 -27.86 -6.67
CA GLU B 37 -13.47 -27.64 -7.81
C GLU B 37 -13.34 -26.21 -8.33
N ALA B 38 -13.19 -25.22 -7.43
CA ALA B 38 -12.99 -23.80 -7.81
C ALA B 38 -11.79 -23.65 -8.75
N VAL B 39 -10.76 -24.48 -8.59
CA VAL B 39 -9.57 -24.50 -9.50
C VAL B 39 -9.90 -25.28 -10.79
N LEU B 40 -10.51 -26.46 -10.67
CA LEU B 40 -10.78 -27.40 -11.79
C LEU B 40 -11.73 -26.78 -12.84
N VAL B 41 -12.59 -25.82 -12.45
CA VAL B 41 -13.54 -25.19 -13.41
C VAL B 41 -12.85 -24.14 -14.29
N CYS B 42 -11.69 -23.58 -13.90
CA CYS B 42 -10.93 -22.61 -14.74
C CYS B 42 -10.30 -23.34 -15.93
N GLU B 43 -10.73 -23.02 -17.15
CA GLU B 43 -10.25 -23.72 -18.39
C GLU B 43 -9.15 -22.90 -19.11
N LEU B 44 -8.84 -21.69 -18.65
CA LEU B 44 -7.72 -20.87 -19.19
C LEU B 44 -7.82 -20.77 -20.71
N PRO B 45 -8.98 -20.40 -21.27
CA PRO B 45 -9.15 -20.39 -22.71
C PRO B 45 -8.29 -19.24 -23.25
N SER B 46 -7.56 -19.47 -24.35
CA SER B 46 -6.69 -18.50 -25.06
C SER B 46 -5.28 -18.43 -24.45
N PHE B 47 -4.93 -19.23 -23.43
CA PHE B 47 -3.58 -19.15 -22.83
C PHE B 47 -2.82 -20.41 -23.21
N ASP B 48 -1.56 -20.26 -23.61
CA ASP B 48 -0.58 -21.37 -23.69
C ASP B 48 0.42 -21.18 -22.53
N VAL B 49 0.23 -21.95 -21.45
CA VAL B 49 1.05 -21.88 -20.20
C VAL B 49 2.50 -22.31 -20.49
N THR B 50 2.77 -22.94 -21.65
CA THR B 50 4.13 -23.46 -21.95
C THR B 50 4.95 -22.41 -22.70
N ASP B 51 4.36 -21.31 -23.13
CA ASP B 51 4.95 -20.33 -24.07
C ASP B 51 5.81 -19.34 -23.31
N VAL B 52 6.97 -18.96 -23.85
CA VAL B 52 7.88 -17.94 -23.24
C VAL B 52 7.22 -16.55 -23.22
N GLU B 53 6.16 -16.31 -23.96
CA GLU B 53 5.46 -15.00 -24.01
C GLU B 53 4.17 -15.03 -23.18
N PHE B 54 3.83 -16.18 -22.58
CA PHE B 54 2.69 -16.32 -21.65
C PHE B 54 2.65 -15.12 -20.69
N ASP B 55 1.46 -14.53 -20.47
CA ASP B 55 1.25 -13.27 -19.69
C ASP B 55 0.38 -13.55 -18.46
N LEU B 56 1.02 -13.78 -17.30
CA LEU B 56 0.31 -14.07 -16.03
C LEU B 56 -0.55 -12.85 -15.62
N PHE B 57 -0.09 -11.63 -15.84
CA PHE B 57 -0.92 -10.42 -15.55
C PHE B 57 -2.23 -10.51 -16.31
N ARG B 58 -2.18 -10.87 -17.60
CA ARG B 58 -3.38 -10.95 -18.44
C ARG B 58 -4.24 -12.11 -17.95
N ALA B 59 -3.64 -13.24 -17.57
CA ALA B 59 -4.40 -14.36 -16.95
C ALA B 59 -5.08 -13.86 -15.67
N ARG B 60 -4.41 -13.04 -14.86
CA ARG B 60 -4.95 -12.55 -13.56
C ARG B 60 -6.14 -11.60 -13.81
N GLU B 61 -6.03 -10.73 -14.81
CA GLU B 61 -7.08 -9.72 -15.16
C GLU B 61 -8.26 -10.39 -15.87
N SER B 62 -8.13 -11.66 -16.28
CA SER B 62 -9.09 -12.40 -17.14
C SER B 62 -10.32 -12.87 -16.34
N THR B 63 -10.26 -13.02 -15.02
CA THR B 63 -11.44 -13.44 -14.21
C THR B 63 -11.42 -12.64 -12.91
N ASP B 64 -12.47 -12.80 -12.09
CA ASP B 64 -12.57 -12.14 -10.77
C ASP B 64 -11.97 -13.09 -9.72
N LYS B 65 -11.47 -14.26 -10.12
CA LYS B 65 -10.89 -15.32 -9.25
C LYS B 65 -9.42 -15.55 -9.60
N PRO B 66 -8.55 -14.52 -9.58
CA PRO B 66 -7.19 -14.67 -10.09
C PRO B 66 -6.43 -15.75 -9.31
N LEU B 67 -6.78 -16.02 -8.04
CA LEU B 67 -6.04 -17.01 -7.21
C LEU B 67 -6.40 -18.39 -7.70
N ASP B 68 -7.60 -18.55 -8.24
CA ASP B 68 -8.08 -19.85 -8.76
C ASP B 68 -7.44 -20.08 -10.14
N VAL B 69 -7.29 -19.02 -10.92
CA VAL B 69 -6.64 -19.09 -12.25
C VAL B 69 -5.16 -19.42 -12.04
N ALA B 70 -4.45 -18.71 -11.16
CA ALA B 70 -3.03 -18.99 -10.82
C ALA B 70 -2.85 -20.47 -10.42
N ALA B 71 -3.70 -21.01 -9.55
CA ALA B 71 -3.67 -22.43 -9.12
C ALA B 71 -3.83 -23.36 -10.34
N ALA B 72 -4.73 -22.99 -11.26
CA ALA B 72 -5.01 -23.79 -12.47
C ALA B 72 -3.78 -23.78 -13.37
N ILE B 73 -3.09 -22.64 -13.48
CA ILE B 73 -1.87 -22.57 -14.32
C ILE B 73 -0.82 -23.55 -13.76
N ALA B 74 -0.53 -23.50 -12.46
CA ALA B 74 0.42 -24.42 -11.78
C ALA B 74 0.03 -25.88 -12.03
N TYR B 75 -1.26 -26.17 -11.92
CA TYR B 75 -1.82 -27.54 -12.06
C TYR B 75 -1.63 -28.01 -13.50
N ARG B 76 -1.92 -27.14 -14.47
CA ARG B 76 -1.79 -27.55 -15.91
C ARG B 76 -0.30 -27.75 -16.29
N LEU B 77 0.59 -26.89 -15.80
CA LEU B 77 2.04 -26.99 -16.05
C LEU B 77 2.52 -28.33 -15.52
N LEU B 78 2.15 -28.69 -14.28
CA LEU B 78 2.71 -29.91 -13.65
C LEU B 78 2.14 -31.14 -14.36
N LEU B 79 0.84 -31.17 -14.59
CA LEU B 79 0.20 -32.33 -15.29
C LEU B 79 0.72 -32.45 -16.74
N GLY B 80 0.82 -31.35 -17.48
CA GLY B 80 1.25 -31.40 -18.90
C GLY B 80 2.71 -31.78 -19.03
N SER B 81 3.50 -31.63 -17.98
CA SER B 81 4.90 -32.11 -17.95
C SER B 81 4.89 -33.65 -18.03
N GLY B 82 3.82 -34.28 -17.53
CA GLY B 82 3.67 -35.74 -17.45
C GLY B 82 4.41 -36.31 -16.25
N LEU B 83 5.04 -35.49 -15.40
CA LEU B 83 6.01 -35.98 -14.38
C LEU B 83 5.31 -36.51 -13.12
N PRO B 84 4.29 -35.82 -12.56
CA PRO B 84 3.69 -36.26 -11.31
C PRO B 84 3.21 -37.72 -11.41
N GLN B 85 2.51 -38.03 -12.50
CA GLN B 85 1.97 -39.36 -12.89
C GLN B 85 3.10 -40.39 -12.78
N LYS B 86 4.32 -40.10 -13.26
CA LYS B 86 5.44 -41.08 -13.28
C LYS B 86 5.97 -41.36 -11.86
N PHE B 87 5.75 -40.44 -10.91
CA PHE B 87 6.37 -40.57 -9.58
C PHE B 87 5.27 -40.86 -8.56
N GLY B 88 4.12 -41.36 -8.99
CA GLY B 88 3.06 -41.88 -8.10
C GLY B 88 2.29 -40.78 -7.41
N CYS B 89 2.29 -39.57 -7.97
CA CYS B 89 1.59 -38.39 -7.41
C CYS B 89 0.26 -38.23 -8.16
N SER B 90 -0.87 -38.52 -7.49
CA SER B 90 -2.22 -38.43 -8.07
C SER B 90 -2.54 -36.99 -8.44
N ASP B 91 -3.51 -36.79 -9.33
CA ASP B 91 -3.99 -35.44 -9.69
C ASP B 91 -4.46 -34.72 -8.40
N GLU B 92 -5.12 -35.43 -7.52
CA GLU B 92 -5.74 -34.83 -6.31
C GLU B 92 -4.65 -34.37 -5.33
N VAL B 93 -3.64 -35.21 -5.04
CA VAL B 93 -2.52 -34.89 -4.13
C VAL B 93 -1.80 -33.65 -4.72
N LEU B 94 -1.62 -33.63 -6.05
CA LEU B 94 -0.94 -32.48 -6.73
C LEU B 94 -1.74 -31.21 -6.44
N LEU B 95 -3.04 -31.22 -6.63
CA LEU B 95 -3.88 -30.02 -6.47
C LEU B 95 -3.93 -29.60 -4.98
N ASN B 96 -4.04 -30.56 -4.07
CA ASN B 96 -4.00 -30.28 -2.60
C ASN B 96 -2.68 -29.55 -2.28
N PHE B 97 -1.57 -30.05 -2.83
CA PHE B 97 -0.24 -29.46 -2.61
C PHE B 97 -0.27 -28.00 -3.06
N ILE B 98 -0.72 -27.75 -4.29
CA ILE B 98 -0.78 -26.38 -4.87
C ILE B 98 -1.61 -25.47 -3.96
N LEU B 99 -2.75 -25.95 -3.47
CA LEU B 99 -3.66 -25.15 -2.61
C LEU B 99 -3.14 -24.95 -1.18
N GLN B 100 -2.38 -25.90 -0.65
CA GLN B 100 -1.70 -25.75 0.67
C GLN B 100 -0.59 -24.71 0.52
N CYS B 101 0.11 -24.70 -0.62
CA CYS B 101 1.12 -23.65 -0.90
C CYS B 101 0.37 -22.31 -0.97
N ARG B 102 -0.67 -22.23 -1.80
CA ARG B 102 -1.38 -20.96 -2.03
C ARG B 102 -1.80 -20.34 -0.67
N LYS B 103 -2.27 -21.16 0.26
CA LYS B 103 -2.73 -20.66 1.58
C LYS B 103 -1.60 -19.99 2.37
N LYS B 104 -0.31 -20.33 2.12
CA LYS B 104 0.79 -19.80 2.94
C LYS B 104 1.43 -18.58 2.27
N TYR B 105 0.88 -18.07 1.18
CA TYR B 105 1.36 -16.81 0.57
C TYR B 105 0.50 -15.67 1.10
N ARG B 106 1.10 -14.51 1.27
CA ARG B 106 0.42 -13.33 1.83
C ARG B 106 0.05 -12.35 0.73
N ASN B 107 -0.80 -11.40 1.09
CA ASN B 107 -1.22 -10.31 0.19
C ASN B 107 -0.13 -9.23 0.24
N VAL B 108 1.01 -9.49 -0.41
CA VAL B 108 2.12 -8.53 -0.53
C VAL B 108 2.25 -8.21 -2.01
N PRO B 109 2.86 -7.09 -2.43
CA PRO B 109 2.80 -6.70 -3.83
C PRO B 109 3.59 -7.63 -4.75
N TYR B 110 4.63 -8.30 -4.27
CA TYR B 110 5.54 -9.07 -5.20
C TYR B 110 5.70 -10.53 -4.75
N HIS B 111 6.14 -10.77 -3.51
CA HIS B 111 6.44 -12.14 -3.04
C HIS B 111 5.14 -12.83 -2.62
N ASN B 112 4.24 -12.96 -3.56
CA ASN B 112 2.90 -13.56 -3.34
C ASN B 112 2.76 -14.79 -4.21
N PHE B 113 1.57 -15.40 -4.24
CA PHE B 113 1.37 -16.66 -4.96
C PHE B 113 1.63 -16.47 -6.46
N TYR B 114 1.38 -15.28 -7.02
CA TYR B 114 1.61 -15.04 -8.48
C TYR B 114 3.12 -15.14 -8.78
N HIS B 115 3.99 -14.64 -7.89
CA HIS B 115 5.45 -14.75 -8.10
C HIS B 115 5.82 -16.25 -8.23
N VAL B 116 5.31 -17.12 -7.37
CA VAL B 116 5.81 -18.52 -7.36
C VAL B 116 5.19 -19.27 -8.53
N VAL B 117 3.97 -18.97 -8.91
CA VAL B 117 3.38 -19.58 -10.15
C VAL B 117 4.17 -19.08 -11.37
N ASP B 118 4.56 -17.83 -11.40
CA ASP B 118 5.43 -17.27 -12.47
C ASP B 118 6.78 -18.00 -12.52
N VAL B 119 7.44 -18.20 -11.38
CA VAL B 119 8.74 -18.93 -11.35
C VAL B 119 8.54 -20.36 -11.87
N CYS B 120 7.48 -21.05 -11.45
CA CYS B 120 7.12 -22.41 -11.90
C CYS B 120 6.99 -22.41 -13.45
N GLN B 121 6.22 -21.47 -13.97
CA GLN B 121 5.96 -21.35 -15.43
C GLN B 121 7.26 -21.07 -16.14
N THR B 122 8.07 -20.19 -15.56
CA THR B 122 9.34 -19.76 -16.18
C THR B 122 10.31 -20.94 -16.20
N ILE B 123 10.41 -21.68 -15.09
CA ILE B 123 11.30 -22.85 -15.04
C ILE B 123 10.87 -23.86 -16.10
N HIS B 124 9.56 -24.10 -16.23
CA HIS B 124 9.00 -24.99 -17.26
C HIS B 124 9.51 -24.56 -18.64
N THR B 125 9.53 -23.26 -18.96
CA THR B 125 10.05 -22.77 -20.26
C THR B 125 11.57 -23.03 -20.34
N PHE B 126 12.35 -22.81 -19.29
CA PHE B 126 13.80 -23.07 -19.37
C PHE B 126 14.06 -24.56 -19.60
N LEU B 127 13.29 -25.42 -18.92
CA LEU B 127 13.46 -26.88 -19.03
C LEU B 127 13.07 -27.33 -20.44
N TYR B 128 11.92 -26.89 -20.95
CA TYR B 128 11.28 -27.55 -22.12
C TYR B 128 11.39 -26.69 -23.38
N ARG B 129 11.42 -25.36 -23.30
CA ARG B 129 11.72 -24.50 -24.46
C ARG B 129 13.22 -24.27 -24.56
N GLY B 130 13.91 -24.22 -23.42
CA GLY B 130 15.37 -24.03 -23.35
C GLY B 130 16.17 -25.32 -23.38
N ASN B 131 15.51 -26.49 -23.35
CA ASN B 131 16.13 -27.84 -23.43
C ASN B 131 17.02 -28.10 -22.23
N VAL B 132 16.80 -27.39 -21.12
CA VAL B 132 17.60 -27.69 -19.92
C VAL B 132 17.18 -29.05 -19.35
N TYR B 133 16.01 -29.57 -19.69
CA TYR B 133 15.60 -30.93 -19.22
C TYR B 133 16.66 -31.96 -19.60
N GLU B 134 17.43 -31.74 -20.67
CA GLU B 134 18.38 -32.76 -21.20
C GLU B 134 19.49 -32.96 -20.18
N LYS B 135 19.74 -31.98 -19.32
CA LYS B 135 20.85 -31.98 -18.32
C LYS B 135 20.44 -32.70 -17.03
N LEU B 136 19.15 -32.99 -16.85
CA LEU B 136 18.58 -33.42 -15.54
C LEU B 136 17.77 -34.71 -15.70
N THR B 137 17.60 -35.46 -14.61
CA THR B 137 16.67 -36.60 -14.55
C THR B 137 15.24 -36.05 -14.59
N GLU B 138 14.29 -36.90 -14.94
CA GLU B 138 12.88 -36.55 -14.81
C GLU B 138 12.57 -36.18 -13.34
N LEU B 139 13.11 -36.94 -12.38
CA LEU B 139 12.85 -36.64 -10.95
C LEU B 139 13.27 -35.21 -10.63
N GLU B 140 14.46 -34.81 -11.07
CA GLU B 140 15.00 -33.46 -10.85
C GLU B 140 14.09 -32.41 -11.51
N CYS B 141 13.55 -32.66 -12.71
CA CYS B 141 12.62 -31.71 -13.37
C CYS B 141 11.33 -31.56 -12.52
N PHE B 142 10.76 -32.66 -12.08
CA PHE B 142 9.59 -32.72 -11.16
C PHE B 142 9.87 -31.92 -9.89
N VAL B 143 10.99 -32.19 -9.23
CA VAL B 143 11.38 -31.47 -8.00
C VAL B 143 11.50 -29.97 -8.31
N LEU B 144 12.10 -29.56 -9.42
CA LEU B 144 12.24 -28.10 -9.71
C LEU B 144 10.87 -27.44 -9.78
N LEU B 145 9.93 -28.08 -10.49
CA LEU B 145 8.62 -27.47 -10.73
C LEU B 145 7.87 -27.34 -9.39
N ILE B 146 7.97 -28.37 -8.55
CA ILE B 146 7.39 -28.38 -7.18
C ILE B 146 8.05 -27.31 -6.32
N THR B 147 9.38 -27.24 -6.37
CA THR B 147 10.19 -26.35 -5.52
C THR B 147 9.83 -24.89 -5.83
N ALA B 148 9.56 -24.59 -7.08
CA ALA B 148 9.17 -23.21 -7.46
C ALA B 148 7.98 -22.80 -6.57
N LEU B 149 7.01 -23.69 -6.32
CA LEU B 149 5.78 -23.31 -5.62
C LEU B 149 5.96 -23.16 -4.10
N VAL B 150 7.04 -23.70 -3.51
CA VAL B 150 7.33 -23.59 -2.05
C VAL B 150 8.40 -22.52 -1.79
N HIS B 151 9.02 -21.94 -2.81
CA HIS B 151 10.37 -21.33 -2.57
C HIS B 151 10.29 -20.00 -1.80
N ASP B 152 9.10 -19.37 -1.66
CA ASP B 152 8.93 -18.10 -0.91
C ASP B 152 7.78 -18.17 0.12
N LEU B 153 7.43 -19.37 0.60
CA LEU B 153 6.25 -19.55 1.49
C LEU B 153 6.33 -18.58 2.66
N ASP B 154 5.23 -17.87 2.86
CA ASP B 154 4.96 -17.03 4.05
C ASP B 154 5.87 -15.83 4.01
N HIS B 155 6.33 -15.40 2.82
CA HIS B 155 7.05 -14.13 2.67
C HIS B 155 6.13 -12.97 3.13
N MET B 156 6.69 -11.99 3.82
CA MET B 156 5.93 -10.82 4.37
C MET B 156 6.30 -9.55 3.58
N GLY B 157 7.14 -9.67 2.55
CA GLY B 157 7.58 -8.50 1.77
C GLY B 157 8.75 -7.77 2.40
N LEU B 158 9.47 -8.48 3.28
CA LEU B 158 10.65 -7.94 3.95
C LEU B 158 11.83 -8.88 3.67
N ASN B 159 13.01 -8.34 3.42
CA ASN B 159 14.19 -9.18 3.04
C ASN B 159 14.96 -9.59 4.30
N ASN B 160 15.94 -10.47 4.16
CA ASN B 160 16.72 -11.03 5.29
C ASN B 160 17.32 -9.87 6.08
N SER B 161 17.79 -8.85 5.38
CA SER B 161 18.44 -7.68 5.98
C SER B 161 17.48 -6.99 6.97
N PHE B 162 16.19 -6.88 6.65
CA PHE B 162 15.21 -6.30 7.59
C PHE B 162 15.27 -7.01 8.95
N TYR B 163 15.19 -8.34 8.94
CA TYR B 163 15.10 -9.19 10.16
C TYR B 163 16.38 -9.05 10.98
N LEU B 164 17.55 -8.93 10.34
CA LEU B 164 18.87 -8.84 11.00
C LEU B 164 19.10 -7.41 11.53
N LYS B 165 18.84 -6.36 10.77
CA LYS B 165 19.15 -4.99 11.27
C LYS B 165 18.08 -4.51 12.27
N THR B 166 16.86 -5.06 12.30
CA THR B 166 15.86 -4.71 13.33
C THR B 166 15.92 -5.66 14.55
N GLU B 167 16.73 -6.71 14.54
CA GLU B 167 16.73 -7.72 15.62
C GLU B 167 15.31 -8.22 15.85
N SER B 168 14.61 -8.50 14.76
CA SER B 168 13.32 -9.19 14.79
C SER B 168 13.60 -10.60 15.31
N PRO B 169 12.66 -11.23 16.04
CA PRO B 169 12.91 -12.56 16.61
C PRO B 169 13.41 -13.62 15.63
N LEU B 170 12.89 -13.68 14.39
CA LEU B 170 13.40 -14.67 13.39
C LEU B 170 14.86 -14.35 13.08
N GLY B 171 15.21 -13.07 13.02
CA GLY B 171 16.58 -12.62 12.79
C GLY B 171 17.50 -13.05 13.94
N ILE B 172 17.04 -12.87 15.18
CA ILE B 172 17.86 -13.26 16.38
C ILE B 172 18.11 -14.77 16.34
N LEU B 173 17.07 -15.56 16.04
CA LEU B 173 17.19 -17.02 15.92
C LEU B 173 18.22 -17.39 14.82
N SER B 174 18.19 -16.76 13.65
CA SER B 174 19.17 -17.03 12.57
C SER B 174 20.59 -16.70 13.03
N SER B 175 20.78 -15.56 13.68
CA SER B 175 22.09 -15.15 14.24
C SER B 175 22.57 -16.21 15.24
N ALA B 176 21.70 -16.67 16.11
CA ALA B 176 22.06 -17.60 17.20
C ALA B 176 22.37 -18.98 16.61
N SER B 177 21.61 -19.46 15.63
CA SER B 177 21.75 -20.84 15.07
C SER B 177 22.83 -20.90 13.99
N GLY B 178 23.36 -19.76 13.55
CA GLY B 178 24.49 -19.64 12.61
C GLY B 178 24.09 -19.65 11.13
N ASN B 179 22.82 -19.50 10.73
CA ASN B 179 22.48 -19.39 9.27
C ASN B 179 21.80 -18.04 9.01
N THR B 180 22.43 -17.16 8.24
CA THR B 180 21.92 -15.80 7.93
C THR B 180 20.85 -15.84 6.82
N SER B 181 20.52 -17.00 6.26
CA SER B 181 19.42 -17.10 5.29
C SER B 181 18.09 -17.16 6.02
N VAL B 182 17.67 -16.03 6.62
CA VAL B 182 16.49 -16.00 7.53
C VAL B 182 15.28 -16.56 6.79
N LEU B 183 14.91 -15.96 5.66
CA LEU B 183 13.64 -16.35 5.00
C LEU B 183 13.74 -17.77 4.41
N GLU B 184 14.87 -18.08 3.77
CA GLU B 184 15.00 -19.33 2.97
C GLU B 184 14.89 -20.52 3.91
N VAL B 185 15.44 -20.42 5.13
CA VAL B 185 15.24 -21.53 6.10
C VAL B 185 13.76 -21.63 6.47
N HIS B 186 13.10 -20.49 6.69
CA HIS B 186 11.65 -20.43 7.01
C HIS B 186 10.83 -21.03 5.87
N HIS B 187 11.12 -20.69 4.61
CA HIS B 187 10.34 -21.29 3.50
C HIS B 187 10.49 -22.83 3.52
N CYS B 188 11.72 -23.33 3.72
CA CYS B 188 12.03 -24.79 3.78
C CYS B 188 11.25 -25.47 4.92
N ASN B 189 11.19 -24.82 6.09
CA ASN B 189 10.41 -25.32 7.25
C ASN B 189 8.96 -25.49 6.86
N LEU B 190 8.38 -24.50 6.17
CA LEU B 190 6.95 -24.61 5.81
C LEU B 190 6.76 -25.61 4.66
N ALA B 191 7.75 -25.76 3.77
CA ALA B 191 7.63 -26.76 2.67
C ALA B 191 7.54 -28.16 3.31
N VAL B 192 8.42 -28.44 4.27
CA VAL B 192 8.45 -29.73 5.02
C VAL B 192 7.11 -29.93 5.72
N GLU B 193 6.51 -28.89 6.31
CA GLU B 193 5.18 -29.03 6.98
C GLU B 193 4.11 -29.44 5.96
N ILE B 194 4.04 -28.74 4.82
CA ILE B 194 3.03 -29.08 3.79
C ILE B 194 3.19 -30.56 3.37
N LEU B 195 4.43 -31.01 3.14
CA LEU B 195 4.70 -32.35 2.61
C LEU B 195 4.53 -33.43 3.71
N SER B 196 4.39 -33.04 4.98
CA SER B 196 4.25 -34.02 6.09
C SER B 196 2.83 -34.61 6.08
N ASP B 197 1.88 -33.92 5.50
CA ASP B 197 0.49 -34.41 5.32
C ASP B 197 0.42 -35.25 4.05
N PRO B 198 0.10 -36.57 4.16
CA PRO B 198 0.00 -37.46 3.00
C PRO B 198 -0.90 -36.99 1.85
N GLU B 199 -1.98 -36.24 2.15
CA GLU B 199 -2.92 -35.71 1.13
C GLU B 199 -2.27 -34.60 0.28
N SER B 200 -1.15 -34.03 0.71
CA SER B 200 -0.39 -33.01 -0.06
C SER B 200 1.09 -33.43 -0.24
N ASP B 201 1.46 -34.69 0.03
CA ASP B 201 2.86 -35.14 -0.10
C ASP B 201 3.09 -35.59 -1.56
N VAL B 202 3.51 -34.67 -2.44
CA VAL B 202 3.77 -34.96 -3.88
C VAL B 202 4.94 -35.94 -4.02
N PHE B 203 5.68 -36.21 -2.93
CA PHE B 203 6.89 -37.06 -2.94
C PHE B 203 6.58 -38.40 -2.26
N ASP B 204 5.32 -38.66 -1.92
CA ASP B 204 4.93 -39.84 -1.10
C ASP B 204 5.06 -41.11 -1.96
N GLY B 205 4.96 -41.01 -3.28
CA GLY B 205 5.15 -42.13 -4.22
C GLY B 205 6.60 -42.52 -4.39
N LEU B 206 7.54 -41.79 -3.80
CA LEU B 206 8.99 -42.07 -3.91
C LEU B 206 9.44 -42.90 -2.69
N GLU B 207 10.50 -43.68 -2.85
CA GLU B 207 11.07 -44.51 -1.76
C GLU B 207 12.58 -44.29 -1.75
N GLY B 208 13.23 -44.60 -0.63
CA GLY B 208 14.68 -44.76 -0.55
C GLY B 208 15.40 -43.53 -1.06
N ALA B 209 16.42 -43.74 -1.89
CA ALA B 209 17.36 -42.68 -2.32
C ALA B 209 16.63 -41.59 -3.14
N GLU B 210 15.61 -41.97 -3.91
CA GLU B 210 14.80 -40.98 -4.68
C GLU B 210 14.07 -40.03 -3.71
N ARG B 211 13.44 -40.55 -2.67
CA ARG B 211 12.67 -39.68 -1.72
C ARG B 211 13.67 -38.73 -1.07
N THR B 212 14.83 -39.24 -0.67
CA THR B 212 15.90 -38.44 -0.05
C THR B 212 16.35 -37.36 -1.01
N LEU B 213 16.65 -37.71 -2.26
CA LEU B 213 17.16 -36.72 -3.23
C LEU B 213 16.09 -35.64 -3.44
N ALA B 214 14.81 -35.98 -3.44
CA ALA B 214 13.73 -35.01 -3.69
C ALA B 214 13.72 -33.94 -2.60
N PHE B 215 13.76 -34.37 -1.33
CA PHE B 215 13.77 -33.44 -0.17
C PHE B 215 15.09 -32.66 -0.15
N ARG B 216 16.21 -33.34 -0.31
CA ARG B 216 17.50 -32.64 -0.19
C ARG B 216 17.64 -31.65 -1.35
N SER B 217 17.29 -32.04 -2.59
CA SER B 217 17.46 -31.16 -3.75
C SER B 217 16.48 -29.99 -3.60
N MET B 218 15.25 -30.20 -3.13
CA MET B 218 14.30 -29.08 -2.92
C MET B 218 14.89 -28.08 -1.93
N ILE B 219 15.37 -28.59 -0.79
CA ILE B 219 15.94 -27.73 0.28
C ILE B 219 17.19 -27.01 -0.25
N ASP B 220 18.07 -27.71 -0.95
CA ASP B 220 19.33 -27.09 -1.48
C ASP B 220 18.94 -25.93 -2.41
N CYS B 221 17.99 -26.16 -3.30
CA CYS B 221 17.53 -25.14 -4.26
C CYS B 221 16.91 -23.93 -3.53
N VAL B 222 16.02 -24.16 -2.55
CA VAL B 222 15.44 -23.02 -1.81
C VAL B 222 16.55 -22.23 -1.13
N LEU B 223 17.48 -22.90 -0.45
CA LEU B 223 18.55 -22.20 0.30
C LEU B 223 19.45 -21.41 -0.67
N ALA B 224 19.58 -21.85 -1.92
CA ALA B 224 20.42 -21.19 -2.92
C ALA B 224 19.74 -19.93 -3.48
N THR B 225 18.46 -19.66 -3.18
CA THR B 225 17.76 -18.43 -3.67
C THR B 225 18.13 -17.20 -2.84
N ASP B 226 18.85 -17.36 -1.74
CA ASP B 226 19.37 -16.20 -0.96
C ASP B 226 20.37 -15.43 -1.82
N MET B 227 20.04 -14.19 -2.18
CA MET B 227 20.84 -13.35 -3.12
C MET B 227 22.21 -13.02 -2.51
N ALA B 228 22.35 -13.27 -1.21
CA ALA B 228 23.64 -13.12 -0.51
C ALA B 228 24.63 -14.17 -1.02
N LYS B 229 24.14 -15.32 -1.47
CA LYS B 229 25.05 -16.39 -1.97
C LYS B 229 25.01 -16.44 -3.50
N HIS B 230 24.57 -15.37 -4.15
CA HIS B 230 24.41 -15.36 -5.63
C HIS B 230 25.72 -15.62 -6.37
N GLY B 231 26.79 -14.96 -5.96
CA GLY B 231 28.12 -15.08 -6.62
C GLY B 231 28.67 -16.47 -6.50
N SER B 232 28.64 -17.05 -5.31
CA SER B 232 29.24 -18.38 -5.03
C SER B 232 28.40 -19.50 -5.65
N ALA B 233 27.06 -19.38 -5.70
CA ALA B 233 26.20 -20.35 -6.44
C ALA B 233 26.58 -20.32 -7.93
N LEU B 234 26.72 -19.13 -8.51
CA LEU B 234 27.07 -18.91 -9.92
C LEU B 234 28.47 -19.47 -10.21
N GLU B 235 29.41 -19.22 -9.30
CA GLU B 235 30.83 -19.65 -9.48
C GLU B 235 30.85 -21.18 -9.37
N ALA B 236 30.18 -21.78 -8.37
CA ALA B 236 30.11 -23.23 -8.18
C ALA B 236 29.43 -23.91 -9.38
N PHE B 237 28.37 -23.31 -9.95
CA PHE B 237 27.75 -23.85 -11.18
C PHE B 237 28.74 -23.80 -12.35
N LEU B 238 29.32 -22.62 -12.62
CA LEU B 238 30.26 -22.48 -13.77
C LEU B 238 31.40 -23.50 -13.60
N ALA B 239 31.84 -23.73 -12.36
CA ALA B 239 32.90 -24.72 -12.05
C ALA B 239 32.42 -26.13 -12.41
N SER B 240 31.22 -26.54 -11.96
CA SER B 240 30.74 -27.93 -12.19
C SER B 240 30.50 -28.15 -13.69
N ALA B 241 30.26 -27.09 -14.46
CA ALA B 241 29.88 -27.15 -15.89
C ALA B 241 31.13 -27.34 -16.75
N ALA B 242 32.24 -26.73 -16.35
CA ALA B 242 33.54 -26.83 -17.05
C ALA B 242 34.06 -28.28 -16.92
N ASP B 243 33.73 -28.96 -15.81
CA ASP B 243 34.14 -30.36 -15.55
C ASP B 243 32.95 -31.17 -15.00
N GLN B 244 31.98 -31.50 -15.87
CA GLN B 244 30.75 -32.26 -15.54
C GLN B 244 31.11 -33.75 -15.51
N SER B 245 31.52 -34.29 -16.67
CA SER B 245 32.03 -35.68 -16.86
C SER B 245 33.24 -35.88 -15.95
N SER B 246 32.98 -35.97 -14.65
CA SER B 246 33.97 -35.86 -13.53
C SER B 246 33.23 -35.92 -12.19
N ASP B 247 32.23 -35.04 -11.99
CA ASP B 247 31.33 -35.09 -10.82
C ASP B 247 29.90 -34.77 -11.27
N GLU B 248 29.24 -35.74 -11.91
CA GLU B 248 27.89 -35.65 -12.51
C GLU B 248 26.90 -35.19 -11.43
N ALA B 249 26.95 -35.80 -10.25
CA ALA B 249 25.97 -35.54 -9.16
C ALA B 249 26.01 -34.06 -8.77
N ALA B 250 27.21 -33.49 -8.68
CA ALA B 250 27.46 -32.08 -8.36
C ALA B 250 26.87 -31.20 -9.47
N PHE B 251 27.11 -31.56 -10.73
CA PHE B 251 26.66 -30.74 -11.88
C PHE B 251 25.13 -30.75 -11.88
N HIS B 252 24.52 -31.91 -11.66
CA HIS B 252 23.03 -32.04 -11.58
C HIS B 252 22.53 -31.09 -10.47
N ARG B 253 23.11 -31.16 -9.28
CA ARG B 253 22.59 -30.37 -8.12
C ARG B 253 22.73 -28.88 -8.44
N MET B 254 23.88 -28.46 -8.97
CA MET B 254 24.15 -27.03 -9.25
C MET B 254 23.27 -26.53 -10.39
N THR B 255 22.98 -27.37 -11.39
CA THR B 255 22.06 -27.00 -12.49
C THR B 255 20.67 -26.73 -11.88
N MET B 256 20.19 -27.58 -11.01
CA MET B 256 18.89 -27.33 -10.31
C MET B 256 18.93 -25.97 -9.59
N GLU B 257 19.99 -25.73 -8.82
CA GLU B 257 20.08 -24.48 -8.03
C GLU B 257 20.11 -23.28 -8.96
N ILE B 258 20.89 -23.37 -10.03
CA ILE B 258 20.99 -22.22 -10.98
C ILE B 258 19.65 -21.99 -11.69
N ILE B 259 18.93 -23.06 -12.02
CA ILE B 259 17.63 -22.90 -12.73
C ILE B 259 16.59 -22.25 -11.82
N LEU B 260 16.51 -22.67 -10.56
CA LEU B 260 15.58 -22.00 -9.62
C LEU B 260 16.01 -20.54 -9.46
N LYS B 261 17.29 -20.27 -9.25
CA LYS B 261 17.80 -18.87 -9.22
C LYS B 261 17.39 -18.11 -10.49
N ALA B 262 17.58 -18.73 -11.65
CA ALA B 262 17.31 -18.10 -12.95
C ALA B 262 15.82 -17.75 -13.01
N GLY B 263 14.97 -18.69 -12.62
CA GLY B 263 13.52 -18.42 -12.61
C GLY B 263 13.21 -17.26 -11.66
N ASP B 264 13.92 -17.20 -10.53
CA ASP B 264 13.63 -16.24 -9.46
C ASP B 264 13.96 -14.83 -9.96
N ILE B 265 15.01 -14.65 -10.77
CA ILE B 265 15.36 -13.30 -11.29
C ILE B 265 15.03 -13.19 -12.79
N SER B 266 14.02 -13.91 -13.27
CA SER B 266 13.69 -13.96 -14.70
C SER B 266 12.77 -12.80 -15.15
N ASN B 267 12.33 -11.91 -14.25
CA ASN B 267 11.33 -10.87 -14.65
C ASN B 267 11.88 -10.02 -15.80
N VAL B 268 13.17 -9.74 -15.80
CA VAL B 268 13.82 -8.95 -16.87
C VAL B 268 13.97 -9.72 -18.21
N THR B 269 13.62 -11.01 -18.30
CA THR B 269 13.77 -11.81 -19.56
C THR B 269 12.42 -11.87 -20.26
N LYS B 270 11.43 -11.16 -19.73
CA LYS B 270 10.07 -11.26 -20.26
C LYS B 270 9.82 -10.15 -21.26
N PRO B 271 8.77 -10.29 -22.09
CA PRO B 271 8.32 -9.18 -22.95
C PRO B 271 8.17 -7.93 -22.08
N PHE B 272 8.59 -6.78 -22.63
CA PHE B 272 8.68 -5.50 -21.92
C PHE B 272 7.44 -5.19 -21.08
N ASP B 273 6.22 -5.33 -21.59
CA ASP B 273 5.01 -4.94 -20.80
C ASP B 273 4.90 -5.81 -19.54
N ILE B 274 5.16 -7.11 -19.65
CA ILE B 274 5.12 -8.05 -18.50
C ILE B 274 6.23 -7.63 -17.52
N SER B 275 7.42 -7.40 -18.05
CA SER B 275 8.65 -7.06 -17.28
C SER B 275 8.42 -5.78 -16.46
N ARG B 276 7.84 -4.76 -17.09
CA ARG B 276 7.49 -3.47 -16.46
C ARG B 276 6.58 -3.70 -15.26
N GLN B 277 5.55 -4.51 -15.43
CA GLN B 277 4.56 -4.76 -14.35
C GLN B 277 5.26 -5.44 -13.16
N TRP B 278 6.11 -6.43 -13.38
CA TRP B 278 6.92 -7.05 -12.28
C TRP B 278 7.75 -5.97 -11.59
N ALA B 279 8.40 -5.11 -12.35
CA ALA B 279 9.27 -4.05 -11.84
C ALA B 279 8.46 -3.08 -10.91
N MET B 280 7.23 -2.74 -11.31
CA MET B 280 6.33 -1.90 -10.46
C MET B 280 6.00 -2.64 -9.16
N ALA B 281 5.69 -3.94 -9.24
CA ALA B 281 5.30 -4.75 -8.06
C ALA B 281 6.49 -4.85 -7.09
N VAL B 282 7.72 -5.05 -7.59
CA VAL B 282 8.89 -5.23 -6.69
C VAL B 282 9.27 -3.88 -6.06
N THR B 283 9.19 -2.80 -6.83
CA THR B 283 9.42 -1.42 -6.36
C THR B 283 8.49 -1.12 -5.18
N GLU B 284 7.22 -1.42 -5.29
CA GLU B 284 6.23 -1.12 -4.21
C GLU B 284 6.59 -1.96 -2.98
N GLU B 285 7.06 -3.20 -3.16
CA GLU B 285 7.38 -4.04 -1.99
C GLU B 285 8.59 -3.47 -1.26
N PHE B 286 9.59 -3.10 -2.03
CA PHE B 286 10.82 -2.46 -1.51
C PHE B 286 10.45 -1.18 -0.73
N TYR B 287 9.63 -0.31 -1.31
CA TYR B 287 9.25 0.97 -0.66
C TYR B 287 8.48 0.67 0.64
N ARG B 288 7.62 -0.34 0.67
CA ARG B 288 6.92 -0.72 1.92
C ARG B 288 7.93 -1.24 2.94
N GLN B 289 9.02 -1.91 2.53
CA GLN B 289 10.05 -2.33 3.51
C GLN B 289 10.66 -1.06 4.09
N GLY B 290 11.02 -0.11 3.25
CA GLY B 290 11.54 1.20 3.68
C GLY B 290 10.62 1.91 4.65
N ASP B 291 9.30 1.91 4.39
CA ASP B 291 8.29 2.49 5.33
C ASP B 291 8.40 1.81 6.69
N MET B 292 8.44 0.47 6.73
CA MET B 292 8.53 -0.28 7.99
C MET B 292 9.88 -0.09 8.69
N GLU B 293 10.96 0.12 7.96
CA GLU B 293 12.27 0.51 8.53
C GLU B 293 12.19 1.91 9.15
N LYS B 294 11.56 2.88 8.51
CA LYS B 294 11.37 4.22 9.15
C LYS B 294 10.61 4.01 10.46
N GLU B 295 9.53 3.21 10.43
CA GLU B 295 8.72 2.90 11.64
C GLU B 295 9.61 2.31 12.76
N ARG B 296 10.59 1.44 12.44
CA ARG B 296 11.50 0.83 13.44
C ARG B 296 12.69 1.76 13.75
N GLY B 297 12.82 2.92 13.09
CA GLY B 297 13.97 3.84 13.25
C GLY B 297 15.31 3.21 12.81
N VAL B 298 15.34 2.41 11.76
CA VAL B 298 16.64 1.85 11.27
C VAL B 298 16.92 2.50 9.91
N GLU B 299 18.17 2.39 9.46
CA GLU B 299 18.67 2.87 8.15
C GLU B 299 17.80 2.35 7.00
N VAL B 300 17.39 3.24 6.11
CA VAL B 300 16.73 2.87 4.84
C VAL B 300 17.75 3.01 3.72
N LEU B 301 18.04 1.93 2.99
CA LEU B 301 18.87 2.05 1.76
C LEU B 301 18.08 2.81 0.70
N PRO B 302 18.75 3.60 -0.16
CA PRO B 302 18.06 4.37 -1.21
C PRO B 302 17.04 3.61 -2.09
N MET B 303 17.38 2.37 -2.44
CA MET B 303 16.56 1.43 -3.25
C MET B 303 15.22 1.19 -2.52
N PHE B 304 15.17 1.39 -1.21
CA PHE B 304 13.97 1.09 -0.40
C PHE B 304 13.26 2.38 0.01
N ASP B 305 13.74 3.54 -0.42
CA ASP B 305 13.35 4.85 0.15
C ASP B 305 12.45 5.56 -0.86
N ARG B 306 11.14 5.47 -0.65
CA ARG B 306 10.07 6.11 -1.47
C ARG B 306 10.36 7.61 -1.70
N SER B 307 10.97 8.27 -0.73
CA SER B 307 11.13 9.75 -0.73
C SER B 307 12.24 10.18 -1.71
N LYS B 308 12.91 9.24 -2.39
CA LYS B 308 13.92 9.56 -3.44
C LYS B 308 13.23 9.68 -4.81
N ASN B 309 12.06 9.05 -4.98
CA ASN B 309 11.25 9.10 -6.23
C ASN B 309 12.06 8.54 -7.41
N MET B 310 13.16 7.82 -7.14
CA MET B 310 14.02 7.15 -8.15
C MET B 310 13.13 6.56 -9.26
N GLU B 311 13.43 6.83 -10.53
CA GLU B 311 12.61 6.34 -11.67
C GLU B 311 12.71 4.81 -11.75
N LEU B 312 11.61 4.17 -12.13
CA LEU B 312 11.53 2.71 -12.41
C LEU B 312 12.65 2.27 -13.36
N ALA B 313 12.93 3.03 -14.43
CA ALA B 313 13.91 2.69 -15.48
C ALA B 313 15.31 2.54 -14.88
N LYS B 314 15.75 3.52 -14.10
CA LYS B 314 17.13 3.53 -13.55
C LYS B 314 17.35 2.26 -12.72
N GLY B 315 16.36 1.83 -11.95
CA GLY B 315 16.53 0.62 -11.12
C GLY B 315 16.74 -0.62 -11.98
N GLN B 316 15.92 -0.78 -12.99
CA GLN B 316 15.90 -1.95 -13.90
C GLN B 316 17.20 -2.01 -14.70
N ILE B 317 17.68 -0.87 -15.20
CA ILE B 317 18.97 -0.84 -15.95
C ILE B 317 20.11 -1.25 -15.02
N GLY B 318 20.14 -0.70 -13.81
CA GLY B 318 21.15 -1.07 -12.81
C GLY B 318 21.09 -2.55 -12.52
N PHE B 319 19.90 -3.09 -12.26
CA PHE B 319 19.77 -4.52 -11.92
C PHE B 319 20.23 -5.34 -13.16
N ILE B 320 19.81 -4.93 -14.35
CA ILE B 320 20.26 -5.60 -15.61
C ILE B 320 21.79 -5.59 -15.68
N ASP B 321 22.42 -4.43 -15.51
CA ASP B 321 23.87 -4.26 -15.76
C ASP B 321 24.71 -5.02 -14.74
N PHE B 322 24.35 -4.93 -13.45
CA PHE B 322 25.17 -5.48 -12.37
C PHE B 322 24.74 -6.90 -12.00
N VAL B 323 23.51 -7.34 -12.24
CA VAL B 323 23.07 -8.67 -11.71
C VAL B 323 22.66 -9.55 -12.88
N ALA B 324 21.60 -9.20 -13.58
CA ALA B 324 20.85 -10.13 -14.44
C ALA B 324 21.61 -10.37 -15.76
N ALA B 325 22.07 -9.34 -16.47
CA ALA B 325 22.74 -9.54 -17.79
C ALA B 325 23.99 -10.40 -17.59
N PRO B 326 24.89 -10.13 -16.63
CA PRO B 326 26.01 -11.05 -16.39
C PRO B 326 25.62 -12.50 -16.03
N PHE B 327 24.59 -12.68 -15.21
CA PHE B 327 24.17 -14.03 -14.76
C PHE B 327 23.68 -14.83 -15.97
N PHE B 328 22.75 -14.28 -16.76
CA PHE B 328 22.15 -15.00 -17.90
C PHE B 328 23.22 -15.23 -18.97
N GLN B 329 24.15 -14.30 -19.19
CA GLN B 329 25.18 -14.50 -20.23
C GLN B 329 26.10 -15.63 -19.79
N LYS B 330 26.55 -15.64 -18.54
CA LYS B 330 27.51 -16.63 -18.05
C LYS B 330 26.89 -18.03 -18.10
N ILE B 331 25.64 -18.19 -17.67
CA ILE B 331 25.06 -19.57 -17.63
C ILE B 331 24.77 -20.05 -19.05
N VAL B 332 24.25 -19.17 -19.92
CA VAL B 332 24.01 -19.51 -21.34
C VAL B 332 25.34 -19.93 -22.01
N ASP B 333 26.40 -19.16 -21.84
CA ASP B 333 27.70 -19.44 -22.52
C ASP B 333 28.32 -20.72 -21.95
N ALA B 334 28.26 -20.92 -20.64
CA ALA B 334 28.95 -22.04 -19.96
C ALA B 334 28.32 -23.35 -20.41
N CYS B 335 27.04 -23.34 -20.79
CA CYS B 335 26.26 -24.59 -20.68
C CYS B 335 24.87 -24.55 -21.32
N LEU B 336 24.05 -23.55 -20.96
CA LEU B 336 22.57 -23.56 -21.25
C LEU B 336 22.31 -22.78 -22.52
N GLN B 337 22.85 -23.25 -23.66
CA GLN B 337 22.80 -22.54 -24.97
C GLN B 337 21.36 -22.36 -25.39
N GLY B 338 20.48 -23.28 -25.01
CA GLY B 338 19.08 -23.21 -25.42
C GLY B 338 18.37 -22.04 -24.77
N MET B 339 18.94 -21.41 -23.74
CA MET B 339 18.25 -20.27 -23.06
C MET B 339 18.76 -18.92 -23.62
N GLN B 340 19.35 -18.90 -24.82
CA GLN B 340 19.89 -17.65 -25.44
C GLN B 340 18.82 -16.55 -25.48
N TRP B 341 17.55 -16.85 -25.66
CA TRP B 341 16.47 -15.83 -25.77
C TRP B 341 16.43 -14.95 -24.50
N THR B 342 16.93 -15.44 -23.36
CA THR B 342 16.90 -14.67 -22.09
C THR B 342 17.85 -13.49 -22.24
N VAL B 343 19.05 -13.74 -22.77
CA VAL B 343 20.09 -12.72 -23.03
C VAL B 343 19.53 -11.72 -24.05
N ASP B 344 18.91 -12.20 -25.11
CA ASP B 344 18.41 -11.31 -26.18
C ASP B 344 17.35 -10.40 -25.55
N ARG B 345 16.47 -10.95 -24.71
CA ARG B 345 15.33 -10.15 -24.21
C ARG B 345 15.80 -9.16 -23.13
N ILE B 346 16.80 -9.56 -22.37
CA ILE B 346 17.34 -8.61 -21.36
C ILE B 346 17.87 -7.41 -22.13
N LYS B 347 18.55 -7.67 -23.24
CA LYS B 347 19.15 -6.61 -24.08
C LYS B 347 18.07 -5.70 -24.64
N SER B 348 17.01 -6.26 -25.20
CA SER B 348 15.93 -5.42 -25.78
C SER B 348 15.21 -4.64 -24.68
N ASN B 349 15.05 -5.25 -23.51
CA ASN B 349 14.37 -4.58 -22.37
C ASN B 349 15.22 -3.40 -21.89
N ARG B 350 16.53 -3.59 -21.75
CA ARG B 350 17.43 -2.51 -21.30
C ARG B 350 17.31 -1.33 -22.26
N ALA B 351 17.35 -1.60 -23.57
CA ALA B 351 17.18 -0.56 -24.61
C ALA B 351 15.84 0.16 -24.40
N GLN B 352 14.75 -0.57 -24.17
CA GLN B 352 13.40 0.01 -23.99
C GLN B 352 13.31 0.84 -22.70
N TRP B 353 14.07 0.50 -21.64
CA TRP B 353 14.20 1.32 -20.40
C TRP B 353 14.98 2.62 -20.69
N GLU B 354 16.04 2.55 -21.50
CA GLU B 354 16.80 3.74 -21.92
C GLU B 354 15.85 4.70 -22.66
N ARG B 355 14.98 4.19 -23.52
CA ARG B 355 13.97 4.96 -24.29
C ARG B 355 12.94 5.57 -23.35
N VAL B 356 12.56 4.87 -22.27
CA VAL B 356 11.55 5.37 -21.30
C VAL B 356 12.16 6.57 -20.56
N LEU B 357 13.47 6.51 -20.29
CA LEU B 357 14.23 7.57 -19.57
C LEU B 357 14.26 8.89 -20.35
N GLU B 358 14.28 8.86 -21.69
CA GLU B 358 14.68 10.02 -22.52
C GLU B 358 13.46 10.84 -22.97
N THR B 359 12.29 10.62 -22.37
CA THR B 359 11.11 11.52 -22.47
C THR B 359 11.07 12.42 -21.24
ZN ZN C . -9.88 18.61 11.65
MG MG D . -11.72 19.96 14.61
C FMT E . -25.55 30.44 -9.19
O1 FMT E . -25.36 31.37 -8.43
O2 FMT E . -26.45 29.51 -9.03
C FMT F . -30.80 33.11 -4.64
O1 FMT F . -30.02 33.30 -5.55
O2 FMT F . -30.89 32.01 -3.95
C FMT G . 1.21 12.33 -7.22
O1 FMT G . 1.18 13.44 -6.72
O2 FMT G . 0.38 11.33 -6.99
C GAI H . -20.07 40.44 2.38
N1 GAI H . -19.74 39.92 3.57
N2 GAI H . -20.79 41.51 2.25
N3 GAI H . -19.68 39.78 1.27
C GAI I . -24.38 26.15 -11.39
N1 GAI I . -24.90 27.38 -11.18
N2 GAI I . -24.67 25.17 -10.56
N3 GAI I . -23.56 26.02 -12.46
C1 GOL J . -2.09 27.38 -9.44
O1 GOL J . -2.47 26.04 -9.75
C2 GOL J . -0.82 27.43 -8.61
O2 GOL J . 0.13 26.43 -9.05
C3 GOL J . -0.16 28.80 -8.64
O3 GOL J . 0.48 29.09 -7.40
C1 GOL K . -8.24 6.07 -7.00
O1 GOL K . -8.47 7.00 -8.05
C2 GOL K . -9.51 5.34 -6.59
O2 GOL K . -10.55 5.61 -7.51
C3 GOL K . -9.32 3.84 -6.46
O3 GOL K . -10.57 3.17 -6.55
ZN ZN L . 11.29 -15.81 -5.22
MG MG M . 12.96 -15.82 -1.89
C GAI N . 11.40 -20.07 -27.55
N1 GAI N . 11.63 -18.80 -27.49
N2 GAI N . 12.42 -20.95 -27.54
N3 GAI N . 10.17 -20.55 -27.61
C1 GOL O . 20.02 -25.86 -24.07
O1 GOL O . 20.20 -25.44 -22.72
C2 GOL O . 21.20 -26.67 -24.57
O2 GOL O . 21.24 -27.93 -23.89
C3 GOL O . 21.20 -26.89 -26.07
O3 GOL O . 19.94 -26.54 -26.64
C1 GOL P . -4.73 -15.94 0.19
O1 GOL P . -4.36 -16.82 1.25
C2 GOL P . -3.51 -15.23 -0.40
O2 GOL P . -3.05 -14.21 0.47
C3 GOL P . -2.35 -16.17 -0.65
O3 GOL P . -2.47 -16.89 -1.86
C1 863 Q . 11.57 -6.98 -11.42
C10 863 Q . 16.90 -9.10 -4.76
C11 863 Q . 15.71 -9.39 -5.67
C12 863 Q . 15.87 -10.74 -6.42
C13 863 Q . 14.38 -9.35 -4.89
C14 863 Q . 15.07 -6.52 -8.14
C15 863 Q . 14.35 -6.07 -9.24
C16 863 Q . 14.71 -3.78 -8.43
C17 863 Q . 16.23 -3.74 -8.13
C18 863 Q . 16.62 -2.27 -8.16
C19 863 Q . 15.34 -1.49 -8.19
C2 863 Q . 13.54 -6.98 -9.98
C20 863 Q . 14.36 -2.38 -8.90
C3 863 Q . 13.52 -8.32 -9.59
C4 863 Q . 14.25 -8.75 -8.48
C5 863 Q . 15.01 -7.84 -7.75
C6 863 Q . 15.85 -8.20 -6.60
C7 863 Q . 18.81 -7.40 -4.78
C8 863 Q . 18.96 -5.96 -5.24
C9 863 Q . 19.98 -8.26 -5.24
N1 863 Q . 16.83 -7.41 -6.28
N2 863 Q . 17.53 -7.99 -5.25
O1 863 Q . 12.85 -6.43 -11.03
O2 863 Q . 17.23 -9.74 -3.79
O3 863 Q . 14.45 -4.73 -9.51
#